data_6S29
#
_entry.id   6S29
#
_cell.length_a   53.171
_cell.length_b   99.035
_cell.length_c   109.880
_cell.angle_alpha   90.00
_cell.angle_beta   98.87
_cell.angle_gamma   90.00
#
_symmetry.space_group_name_H-M   'P 1 21 1'
#
loop_
_entity.id
_entity.type
_entity.pdbx_description
1 polymer 'Histone acetyltransferase type B subunit 2'
2 polymer 'CENP-A recruiting complex protein mis19'
3 non-polymer 'BROMIDE ION'
4 water water
#
loop_
_entity_poly.entity_id
_entity_poly.type
_entity_poly.pdbx_seq_one_letter_code
_entity_poly.pdbx_strand_id
1 'polypeptide(L)'
;GSEEVVQDAPLENNELNAEIDLQKTIQEEYKLWKQNVPFLYDLVITHALEWPSLTIQWLPDKKTIPGTDYSIQRLILGTH
TSGNDQNYLQIASVQLPNFDEDTTEFTPSTIRRAQATGSYTIEISQKIPHDGDVNRARYMPQKPEIIATMGEGGNAYIFD
TTCHDALTTGEALPQAVLKGHTAEGFGLCWNPNLPGNLATGAEDQVICLWDVQTQSFTSSETKVISPIAKYHRHTDIVND
VQFHPQHEALLASVSDDCTLQIHDTRLNPEEEAPKVIQAHSKAINAVAINPFNDYLLATASADKTVALWDLRNPYQRLHT
LEGHEDEVYGLEWSPHDEPILASSSTDRRVCIWDLEKIGEEQTPEDAEDGSPELLFMHGGHTNRISEFSWCPNERWVVGS
LADDNILQIWSPSRVIWGRDHVQVSPRDLE
;
A,C
2 'polypeptide(L)' PRVYETELLVLRFREFGVKDNHNHPINLHSLRSKSLIRAQGKKLDLHNRVFLRRNVRAVKM B,D
#
# COMPACT_ATOMS: atom_id res chain seq x y z
N GLU A 15 25.54 15.66 -12.63
CA GLU A 15 25.26 14.43 -11.88
C GLU A 15 26.52 13.61 -11.67
N LEU A 16 27.22 13.28 -12.78
CA LEU A 16 28.56 12.72 -12.65
C LEU A 16 29.47 13.67 -11.86
N ASN A 17 29.36 14.97 -12.14
CA ASN A 17 30.15 15.95 -11.41
C ASN A 17 29.75 16.02 -9.94
N ALA A 18 28.45 15.92 -9.66
CA ALA A 18 28.00 15.91 -8.27
C ALA A 18 28.59 14.72 -7.53
N GLU A 19 28.58 13.55 -8.16
CA GLU A 19 29.13 12.36 -7.52
C GLU A 19 30.64 12.51 -7.30
N ILE A 20 31.36 13.10 -8.26
CA ILE A 20 32.79 13.36 -8.07
C ILE A 20 32.98 14.31 -6.90
N ASP A 21 32.24 15.41 -6.90
CA ASP A 21 32.41 16.39 -5.85
C ASP A 21 32.05 15.81 -4.48
N LEU A 22 31.00 14.99 -4.42
CA LEU A 22 30.62 14.45 -3.11
C LEU A 22 31.69 13.49 -2.59
N GLN A 23 32.19 12.59 -3.45
CA GLN A 23 33.25 11.69 -2.99
C GLN A 23 34.51 12.45 -2.61
N LYS A 24 34.77 13.59 -3.27
CA LYS A 24 35.92 14.43 -2.89
C LYS A 24 35.69 15.07 -1.52
N THR A 25 34.50 15.65 -1.34
CA THR A 25 34.19 16.35 -0.10
C THR A 25 34.28 15.40 1.07
N ILE A 26 33.81 14.17 0.90
CA ILE A 26 33.82 13.21 2.00
C ILE A 26 35.24 12.81 2.36
N GLN A 27 36.10 12.64 1.36
CA GLN A 27 37.50 12.28 1.63
C GLN A 27 38.19 13.38 2.42
N GLU A 28 38.02 14.64 2.02
CA GLU A 28 38.63 15.74 2.75
C GLU A 28 38.07 15.83 4.17
N GLU A 29 36.75 15.68 4.30
CA GLU A 29 36.15 15.76 5.63
C GLU A 29 36.71 14.68 6.54
N TYR A 30 36.87 13.46 6.03
CA TYR A 30 37.34 12.38 6.89
C TYR A 30 38.78 12.60 7.33
N LYS A 31 39.63 13.15 6.43
CA LYS A 31 41.00 13.49 6.80
C LYS A 31 41.02 14.58 7.86
N LEU A 32 40.21 15.61 7.67
CA LEU A 32 40.13 16.70 8.64
C LEU A 32 39.61 16.20 9.99
N TRP A 33 38.64 15.28 9.97
CA TRP A 33 38.16 14.70 11.23
C TRP A 33 39.29 13.97 11.95
N LYS A 34 39.97 13.06 11.23
CA LYS A 34 41.04 12.28 11.85
C LYS A 34 42.11 13.18 12.45
N GLN A 35 42.40 14.31 11.81
CA GLN A 35 43.36 15.24 12.38
C GLN A 35 42.89 15.80 13.72
N ASN A 36 41.59 15.90 13.92
CA ASN A 36 41.10 16.54 15.13
C ASN A 36 40.54 15.57 16.16
N VAL A 37 40.49 14.28 15.86
CA VAL A 37 40.03 13.26 16.80
C VAL A 37 40.74 13.37 18.15
N PRO A 38 42.06 13.56 18.22
CA PRO A 38 42.69 13.69 19.56
C PRO A 38 42.16 14.84 20.40
N PHE A 39 41.58 15.86 19.79
CA PHE A 39 41.03 17.00 20.52
C PHE A 39 39.52 16.95 20.67
N LEU A 40 38.89 15.80 20.39
CA LEU A 40 37.44 15.76 20.38
C LEU A 40 36.93 14.62 21.25
N TYR A 41 37.69 13.53 21.33
CA TYR A 41 37.19 12.32 21.96
C TYR A 41 38.14 11.84 23.04
N ASP A 42 37.57 11.14 24.03
CA ASP A 42 38.38 10.32 24.93
C ASP A 42 38.54 8.89 24.43
N LEU A 43 37.72 8.47 23.46
CA LEU A 43 37.79 7.11 22.93
C LEU A 43 37.20 7.09 21.52
N VAL A 44 37.94 6.50 20.58
CA VAL A 44 37.41 6.19 19.26
C VAL A 44 37.91 4.82 18.85
N ILE A 45 36.98 3.94 18.49
CA ILE A 45 37.29 2.61 17.99
C ILE A 45 36.54 2.41 16.68
N THR A 46 37.26 2.00 15.62
CA THR A 46 36.64 1.69 14.35
C THR A 46 36.83 0.21 14.02
N HIS A 47 35.88 -0.35 13.28
CA HIS A 47 35.91 -1.77 12.94
C HIS A 47 35.14 -2.01 11.66
N ALA A 48 35.77 -2.72 10.72
CA ALA A 48 35.13 -3.07 9.45
C ALA A 48 34.36 -4.37 9.62
N LEU A 49 33.04 -4.30 9.47
CA LEU A 49 32.23 -5.51 9.55
C LEU A 49 32.30 -6.28 8.25
N GLU A 50 32.08 -7.59 8.33
CA GLU A 50 32.00 -8.38 7.11
C GLU A 50 30.75 -8.02 6.32
N TRP A 51 29.63 -7.85 7.01
CA TRP A 51 28.43 -7.38 6.32
C TRP A 51 27.96 -6.07 6.94
N PRO A 52 27.46 -5.13 6.12
CA PRO A 52 26.82 -3.95 6.70
C PRO A 52 25.56 -4.34 7.47
N SER A 53 25.27 -3.56 8.52
CA SER A 53 24.12 -3.78 9.37
C SER A 53 23.19 -2.58 9.28
N LEU A 54 21.88 -2.84 9.30
CA LEU A 54 20.89 -1.78 9.34
C LEU A 54 20.52 -1.38 10.75
N THR A 55 20.96 -2.14 11.76
CA THR A 55 20.47 -2.02 13.12
C THR A 55 21.62 -2.24 14.09
N ILE A 56 21.54 -1.58 15.25
CA ILE A 56 22.51 -1.76 16.33
C ILE A 56 21.79 -1.49 17.65
N GLN A 57 22.09 -2.31 18.66
CA GLN A 57 21.61 -2.04 20.02
C GLN A 57 22.56 -2.68 21.03
N TRP A 58 23.02 -1.90 22.00
CA TRP A 58 23.82 -2.48 23.08
C TRP A 58 22.93 -3.36 23.95
N LEU A 59 23.42 -4.56 24.28
CA LEU A 59 22.79 -5.39 25.29
C LEU A 59 23.15 -4.86 26.68
N PRO A 60 22.36 -5.17 27.70
CA PRO A 60 22.54 -4.51 29.00
C PRO A 60 23.79 -4.95 29.79
N ASP A 61 24.47 -6.03 29.40
CA ASP A 61 25.46 -6.66 30.28
C ASP A 61 26.86 -6.14 30.02
N LYS A 62 27.63 -5.99 31.10
CA LYS A 62 29.05 -5.69 31.03
C LYS A 62 29.81 -6.59 31.98
N LYS A 63 30.94 -7.15 31.53
CA LYS A 63 31.75 -7.99 32.40
C LYS A 63 33.21 -7.58 32.39
N THR A 64 33.67 -7.16 33.55
CA THR A 64 35.09 -6.94 33.75
C THR A 64 35.83 -8.28 33.67
N ILE A 65 36.83 -8.34 32.80
CA ILE A 65 37.58 -9.57 32.54
C ILE A 65 38.82 -9.57 33.44
N PRO A 66 38.93 -10.48 34.41
CA PRO A 66 40.11 -10.47 35.28
C PRO A 66 41.38 -10.79 34.50
N GLY A 67 42.46 -10.10 34.85
CA GLY A 67 43.74 -10.26 34.17
C GLY A 67 43.92 -9.42 32.94
N THR A 68 42.98 -8.55 32.60
CA THR A 68 43.05 -7.75 31.38
C THR A 68 42.78 -6.29 31.70
N ASP A 69 42.88 -5.46 30.66
CA ASP A 69 42.59 -4.04 30.74
C ASP A 69 41.29 -3.70 30.02
N TYR A 70 40.36 -4.65 29.90
CA TYR A 70 39.12 -4.39 29.18
C TYR A 70 37.95 -5.09 29.86
N SER A 71 36.75 -4.76 29.40
CA SER A 71 35.52 -5.45 29.75
C SER A 71 34.89 -5.98 28.48
N ILE A 72 33.94 -6.90 28.63
CA ILE A 72 33.21 -7.45 27.49
C ILE A 72 31.79 -6.88 27.50
N GLN A 73 31.43 -6.21 26.41
CA GLN A 73 30.08 -5.70 26.23
C GLN A 73 29.62 -6.11 24.83
N ARG A 74 28.31 -6.19 24.63
CA ARG A 74 27.77 -6.87 23.46
C ARG A 74 26.80 -6.00 22.69
N LEU A 75 26.77 -6.22 21.37
CA LEU A 75 25.97 -5.47 20.41
C LEU A 75 25.12 -6.42 19.60
N ILE A 76 23.87 -6.03 19.37
CA ILE A 76 22.99 -6.73 18.46
C ILE A 76 23.12 -6.11 17.09
N LEU A 77 23.53 -6.90 16.09
CA LEU A 77 23.66 -6.44 14.71
C LEU A 77 22.83 -7.32 13.80
N GLY A 78 22.67 -6.87 12.56
CA GLY A 78 22.00 -7.67 11.54
C GLY A 78 22.75 -7.61 10.21
N THR A 79 22.16 -8.18 9.16
CA THR A 79 22.72 -8.09 7.82
C THR A 79 21.63 -7.63 6.87
N HIS A 80 22.05 -7.22 5.67
CA HIS A 80 21.10 -6.97 4.58
C HIS A 80 21.85 -7.27 3.27
N THR A 81 21.77 -8.53 2.85
CA THR A 81 22.47 -8.96 1.66
C THR A 81 21.67 -8.60 0.41
N SER A 82 20.35 -8.78 0.47
CA SER A 82 19.40 -8.42 -0.58
C SER A 82 19.67 -9.15 -1.89
N GLY A 83 20.61 -10.09 -1.89
CA GLY A 83 20.82 -10.99 -3.00
C GLY A 83 20.45 -12.40 -2.60
N ASN A 84 21.06 -13.40 -3.25
CA ASN A 84 20.83 -14.80 -2.91
C ASN A 84 21.78 -15.30 -1.83
N ASP A 85 22.24 -14.42 -0.94
CA ASP A 85 23.00 -14.87 0.21
C ASP A 85 22.13 -14.93 1.46
N GLN A 86 22.60 -15.73 2.41
CA GLN A 86 21.89 -15.92 3.67
C GLN A 86 22.04 -14.69 4.56
N ASN A 87 20.95 -14.31 5.23
CA ASN A 87 20.97 -13.22 6.17
C ASN A 87 21.09 -13.75 7.59
N TYR A 88 21.65 -12.95 8.50
CA TYR A 88 21.88 -13.40 9.86
C TYR A 88 21.58 -12.30 10.87
N LEU A 89 20.98 -12.72 11.99
CA LEU A 89 21.01 -11.95 13.22
C LEU A 89 22.32 -12.24 13.95
N GLN A 90 23.02 -11.19 14.33
CA GLN A 90 24.35 -11.35 14.90
C GLN A 90 24.45 -10.68 16.27
N ILE A 91 25.20 -11.31 17.16
CA ILE A 91 25.62 -10.68 18.40
C ILE A 91 27.13 -10.58 18.36
N ALA A 92 27.64 -9.36 18.43
CA ALA A 92 29.07 -9.10 18.47
C ALA A 92 29.49 -8.83 19.91
N SER A 93 30.67 -9.34 20.28
CA SER A 93 31.23 -9.10 21.60
C SER A 93 32.42 -8.17 21.46
N VAL A 94 32.42 -7.08 22.21
CA VAL A 94 33.42 -6.03 22.09
C VAL A 94 34.27 -6.02 23.35
N GLN A 95 35.58 -6.02 23.17
CA GLN A 95 36.51 -5.72 24.26
C GLN A 95 36.53 -4.21 24.44
N LEU A 96 35.71 -3.72 25.37
CA LEU A 96 35.67 -2.29 25.62
C LEU A 96 36.81 -1.93 26.59
N PRO A 97 37.77 -1.12 26.18
CA PRO A 97 38.94 -0.88 27.04
C PRO A 97 38.55 -0.14 28.30
N ASN A 98 39.22 -0.47 29.41
CA ASN A 98 39.01 0.21 30.68
C ASN A 98 39.58 1.62 30.62
N PHE A 99 38.82 2.58 30.11
CA PHE A 99 39.34 3.92 29.89
C PHE A 99 38.80 4.96 30.86
N ASP A 100 38.00 4.55 31.84
CA ASP A 100 37.23 5.49 32.66
C ASP A 100 37.27 5.02 34.11
N GLU A 101 37.93 5.81 34.97
CA GLU A 101 38.00 5.47 36.39
C GLU A 101 36.62 5.25 37.01
N ASP A 102 35.61 5.94 36.47
CA ASP A 102 34.27 5.92 37.07
C ASP A 102 33.49 4.64 36.79
N THR A 103 33.81 3.88 35.75
CA THR A 103 32.99 2.74 35.36
C THR A 103 33.62 1.39 35.67
N THR A 104 34.86 1.35 36.15
CA THR A 104 35.54 0.08 36.40
C THR A 104 36.13 0.08 37.81
N GLU A 105 36.00 -1.06 38.50
CA GLU A 105 36.60 -1.23 39.82
C GLU A 105 38.05 -1.66 39.64
N PHE A 106 38.97 -0.70 39.73
CA PHE A 106 40.37 -0.95 39.42
C PHE A 106 41.15 -1.46 40.64
N THR A 107 40.52 -1.46 41.83
CA THR A 107 41.26 -1.80 43.04
C THR A 107 41.88 -3.19 42.98
N PRO A 108 41.15 -4.28 42.62
CA PRO A 108 41.87 -5.53 42.39
C PRO A 108 42.80 -5.32 41.21
N SER A 109 44.12 -5.34 41.44
CA SER A 109 45.03 -4.92 40.40
C SER A 109 45.42 -6.06 39.48
N THR A 110 44.58 -7.07 39.39
CA THR A 110 44.44 -7.84 38.17
C THR A 110 43.71 -7.03 37.10
N ILE A 111 43.00 -5.97 37.51
CA ILE A 111 42.21 -5.10 36.65
C ILE A 111 43.05 -3.87 36.33
N ARG A 112 43.55 -3.82 35.11
CA ARG A 112 44.49 -2.79 34.68
C ARG A 112 43.76 -1.72 33.85
N ARG A 113 44.37 -0.55 33.83
CA ARG A 113 43.99 0.58 33.01
C ARG A 113 44.49 0.39 31.59
N ALA A 114 43.64 0.70 30.61
CA ALA A 114 43.95 0.56 29.20
C ALA A 114 44.88 1.68 28.74
N GLN A 115 45.48 1.52 27.55
CA GLN A 115 46.40 2.55 27.04
C GLN A 115 46.04 2.82 25.59
N ALA A 116 46.56 3.94 25.06
CA ALA A 116 46.37 4.20 23.64
C ALA A 116 47.11 3.20 22.76
N THR A 117 48.14 2.53 23.30
CA THR A 117 48.88 1.52 22.53
C THR A 117 48.24 0.13 22.57
N GLY A 118 47.22 -0.08 23.40
CA GLY A 118 46.62 -1.39 23.57
C GLY A 118 45.93 -1.91 22.31
N SER A 119 45.64 -3.22 22.34
CA SER A 119 44.96 -3.90 21.23
C SER A 119 43.70 -4.55 21.75
N TYR A 120 42.58 -4.26 21.10
CA TYR A 120 41.26 -4.69 21.54
C TYR A 120 40.52 -5.26 20.36
N THR A 121 39.78 -6.34 20.59
CA THR A 121 39.18 -7.12 19.52
C THR A 121 37.66 -7.03 19.56
N ILE A 122 37.06 -7.42 18.44
CA ILE A 122 35.62 -7.56 18.29
C ILE A 122 35.37 -8.86 17.52
N GLU A 123 34.65 -9.78 18.13
CA GLU A 123 34.33 -11.06 17.50
C GLU A 123 32.82 -11.23 17.40
N ILE A 124 32.36 -11.82 16.31
CA ILE A 124 30.97 -12.20 16.17
C ILE A 124 30.78 -13.44 17.04
N SER A 125 30.15 -13.26 18.20
CA SER A 125 30.00 -14.31 19.19
C SER A 125 28.79 -15.20 18.92
N GLN A 126 27.85 -14.78 18.07
CA GLN A 126 26.69 -15.58 17.78
C GLN A 126 26.15 -15.16 16.41
N LYS A 127 25.79 -16.13 15.58
CA LYS A 127 25.34 -15.89 14.22
C LYS A 127 24.14 -16.79 13.95
N ILE A 128 22.95 -16.21 13.89
CA ILE A 128 21.70 -16.95 13.77
C ILE A 128 21.09 -16.67 12.40
N PRO A 129 20.79 -17.69 11.60
CA PRO A 129 20.23 -17.44 10.26
C PRO A 129 18.90 -16.71 10.34
N HIS A 130 18.73 -15.72 9.46
CA HIS A 130 17.58 -14.84 9.49
C HIS A 130 17.00 -14.74 8.09
N ASP A 131 15.68 -14.69 8.00
CA ASP A 131 14.99 -14.66 6.72
C ASP A 131 14.80 -13.21 6.28
N GLY A 132 15.57 -12.79 5.26
CA GLY A 132 15.49 -11.44 4.74
C GLY A 132 16.40 -10.48 5.48
N ASP A 133 16.42 -9.23 4.99
CA ASP A 133 17.13 -8.15 5.68
C ASP A 133 16.66 -8.04 7.12
N VAL A 134 17.60 -7.78 8.03
CA VAL A 134 17.28 -7.48 9.43
C VAL A 134 17.04 -5.97 9.50
N ASN A 135 15.77 -5.58 9.29
CA ASN A 135 15.45 -4.15 9.28
C ASN A 135 15.62 -3.50 10.65
N ARG A 136 15.37 -4.23 11.72
CA ARG A 136 15.51 -3.72 13.08
C ARG A 136 15.52 -4.92 14.01
N ALA A 137 16.30 -4.82 15.09
CA ALA A 137 16.37 -5.87 16.11
C ALA A 137 16.44 -5.24 17.49
N ARG A 138 15.60 -5.74 18.41
CA ARG A 138 15.51 -5.22 19.77
C ARG A 138 15.38 -6.37 20.76
N TYR A 139 16.15 -6.34 21.84
CA TYR A 139 16.01 -7.33 22.88
C TYR A 139 14.84 -6.95 23.78
N MET A 140 14.14 -7.97 24.29
CA MET A 140 13.05 -7.74 25.24
C MET A 140 13.65 -7.25 26.55
N PRO A 141 13.24 -6.08 27.06
CA PRO A 141 13.89 -5.53 28.26
C PRO A 141 13.81 -6.43 29.47
N GLN A 142 12.66 -7.07 29.69
CA GLN A 142 12.46 -7.96 30.83
C GLN A 142 13.16 -9.30 30.67
N LYS A 143 13.56 -9.65 29.45
CA LYS A 143 14.22 -10.94 29.18
C LYS A 143 15.19 -10.73 28.02
N PRO A 144 16.41 -10.29 28.32
CA PRO A 144 17.32 -9.83 27.25
C PRO A 144 17.74 -10.92 26.27
N GLU A 145 17.53 -12.20 26.60
CA GLU A 145 17.87 -13.28 25.68
C GLU A 145 16.88 -13.39 24.52
N ILE A 146 15.73 -12.73 24.60
CA ILE A 146 14.73 -12.73 23.56
C ILE A 146 14.94 -11.52 22.66
N ILE A 147 15.06 -11.74 21.36
CA ILE A 147 15.25 -10.66 20.40
C ILE A 147 14.14 -10.74 19.35
N ALA A 148 13.52 -9.60 19.05
CA ALA A 148 12.55 -9.49 17.97
C ALA A 148 13.19 -8.78 16.80
N THR A 149 12.84 -9.19 15.59
CA THR A 149 13.34 -8.56 14.38
C THR A 149 12.17 -8.25 13.46
N MET A 150 12.42 -7.31 12.55
CA MET A 150 11.56 -7.09 11.39
C MET A 150 12.25 -7.69 10.18
N GLY A 151 11.57 -8.59 9.48
CA GLY A 151 12.19 -9.38 8.44
C GLY A 151 11.36 -9.41 7.16
N GLU A 152 11.57 -10.49 6.39
CA GLU A 152 11.14 -10.55 4.99
C GLU A 152 9.65 -10.29 4.80
N GLY A 153 9.33 -9.40 3.86
CA GLY A 153 7.94 -9.15 3.49
C GLY A 153 7.06 -8.55 4.56
N GLY A 154 7.59 -8.24 5.74
CA GLY A 154 6.78 -7.76 6.85
C GLY A 154 6.62 -8.71 8.00
N ASN A 155 7.03 -9.97 7.87
CA ASN A 155 7.05 -10.86 9.02
C ASN A 155 7.99 -10.31 10.10
N ALA A 156 7.59 -10.45 11.35
CA ALA A 156 8.49 -10.23 12.46
C ALA A 156 8.86 -11.58 13.07
N TYR A 157 10.06 -11.67 13.64
CA TYR A 157 10.60 -12.93 14.13
C TYR A 157 11.08 -12.78 15.57
N ILE A 158 10.92 -13.84 16.34
CA ILE A 158 11.36 -13.90 17.73
C ILE A 158 12.41 -14.99 17.85
N PHE A 159 13.52 -14.69 18.52
CA PHE A 159 14.60 -15.63 18.71
C PHE A 159 14.95 -15.72 20.18
N ASP A 160 15.25 -16.93 20.65
CA ASP A 160 15.82 -17.14 21.97
C ASP A 160 17.30 -17.44 21.79
N THR A 161 18.15 -16.53 22.27
CA THR A 161 19.58 -16.64 22.02
C THR A 161 20.27 -17.70 22.85
N THR A 162 19.69 -18.10 23.99
CA THR A 162 20.30 -19.19 24.78
C THR A 162 19.83 -20.57 24.29
N PRO A 174 13.98 -20.08 14.17
CA PRO A 174 13.35 -19.05 15.01
C PRO A 174 12.25 -19.62 15.89
N GLN A 175 12.08 -19.04 17.08
CA GLN A 175 11.08 -19.55 18.02
C GLN A 175 9.66 -19.14 17.63
N ALA A 176 9.50 -18.03 16.92
CA ALA A 176 8.17 -17.61 16.51
C ALA A 176 8.27 -16.72 15.28
N VAL A 177 7.19 -16.70 14.51
CA VAL A 177 7.04 -15.78 13.38
C VAL A 177 5.69 -15.08 13.53
N LEU A 178 5.70 -13.76 13.37
CA LEU A 178 4.54 -12.90 13.59
C LEU A 178 4.01 -12.45 12.25
N LYS A 179 2.85 -12.96 11.86
CA LYS A 179 2.27 -12.70 10.54
C LYS A 179 1.15 -11.69 10.64
N GLY A 180 1.25 -10.63 9.86
CA GLY A 180 0.22 -9.60 9.89
C GLY A 180 0.50 -8.49 8.92
N HIS A 181 1.78 -8.13 8.77
CA HIS A 181 2.15 -7.07 7.85
C HIS A 181 2.21 -7.58 6.42
N THR A 182 1.73 -6.76 5.48
CA THR A 182 1.74 -7.07 4.06
C THR A 182 2.82 -6.30 3.27
N ALA A 183 3.79 -5.69 3.95
CA ALA A 183 4.93 -5.01 3.34
C ALA A 183 6.01 -4.87 4.41
N GLU A 184 7.28 -4.72 4.00
CA GLU A 184 8.34 -4.78 5.00
C GLU A 184 8.17 -3.57 5.92
N GLY A 185 8.79 -3.62 7.09
CA GLY A 185 8.68 -2.47 7.98
C GLY A 185 9.95 -2.30 8.79
N PHE A 186 10.06 -1.13 9.41
CA PHE A 186 11.19 -0.82 10.26
C PHE A 186 10.82 -0.41 11.69
N GLY A 187 9.54 -0.24 12.02
CA GLY A 187 9.15 0.09 13.39
C GLY A 187 8.98 -1.16 14.23
N LEU A 188 9.63 -1.18 15.40
CA LEU A 188 9.55 -2.32 16.30
C LEU A 188 9.96 -1.91 17.70
N CYS A 189 9.12 -2.24 18.70
CA CYS A 189 9.40 -1.85 20.08
C CYS A 189 8.67 -2.78 21.02
N TRP A 190 9.38 -3.25 22.04
CA TRP A 190 8.80 -3.95 23.17
C TRP A 190 8.16 -2.99 24.16
N ASN A 191 7.16 -3.51 24.90
CA ASN A 191 6.51 -2.79 26.00
C ASN A 191 7.32 -3.01 27.27
N PRO A 192 7.95 -1.98 27.85
CA PRO A 192 8.77 -2.19 29.05
C PRO A 192 7.95 -2.45 30.32
N ASN A 193 6.63 -2.34 30.27
CA ASN A 193 5.81 -2.57 31.45
C ASN A 193 4.84 -3.73 31.28
N LEU A 194 4.94 -4.47 30.17
CA LEU A 194 4.12 -5.65 29.93
C LEU A 194 4.97 -6.63 29.16
N PRO A 195 5.50 -7.67 29.81
CA PRO A 195 6.46 -8.55 29.15
C PRO A 195 5.83 -9.28 27.96
N GLY A 196 6.58 -9.33 26.86
CA GLY A 196 6.13 -10.01 25.67
C GLY A 196 5.17 -9.22 24.80
N ASN A 197 4.73 -8.06 25.23
CA ASN A 197 3.90 -7.22 24.40
C ASN A 197 4.77 -6.43 23.41
N LEU A 198 4.42 -6.47 22.12
CA LEU A 198 5.24 -5.91 21.05
C LEU A 198 4.39 -5.06 20.11
N ALA A 199 4.95 -3.97 19.63
CA ALA A 199 4.30 -3.16 18.60
C ALA A 199 5.20 -3.09 17.38
N THR A 200 4.59 -3.12 16.19
CA THR A 200 5.34 -3.03 14.94
C THR A 200 4.63 -2.08 13.99
N GLY A 201 5.40 -1.47 13.08
CA GLY A 201 4.85 -0.59 12.07
C GLY A 201 5.57 -0.76 10.75
N ALA A 202 4.86 -0.73 9.63
CA ALA A 202 5.48 -1.14 8.37
C ALA A 202 5.05 -0.25 7.22
N GLU A 203 5.61 -0.53 6.03
CA GLU A 203 5.26 0.26 4.86
C GLU A 203 3.87 -0.06 4.33
N ASP A 204 3.17 -1.04 4.92
CA ASP A 204 1.77 -1.25 4.58
C ASP A 204 0.83 -0.27 5.28
N GLN A 205 1.38 0.75 5.97
CA GLN A 205 0.63 1.77 6.69
C GLN A 205 -0.06 1.25 7.94
N VAL A 206 0.31 0.06 8.42
CA VAL A 206 -0.38 -0.58 9.53
C VAL A 206 0.55 -0.66 10.75
N ILE A 207 -0.05 -0.57 11.93
CA ILE A 207 0.61 -0.89 13.20
C ILE A 207 -0.03 -2.14 13.75
N CYS A 208 0.78 -3.14 14.12
CA CYS A 208 0.28 -4.37 14.71
C CYS A 208 0.75 -4.50 16.16
N LEU A 209 -0.14 -5.01 17.01
CA LEU A 209 0.18 -5.31 18.39
C LEU A 209 0.20 -6.83 18.57
N TRP A 210 1.15 -7.32 19.36
CA TRP A 210 1.38 -8.75 19.49
C TRP A 210 1.55 -9.11 20.96
N ASP A 211 1.12 -10.33 21.29
CA ASP A 211 1.40 -10.93 22.59
C ASP A 211 2.33 -12.10 22.35
N VAL A 212 3.60 -11.94 22.73
CA VAL A 212 4.62 -12.96 22.52
C VAL A 212 4.86 -13.62 23.86
N GLN A 213 4.27 -14.79 24.06
CA GLN A 213 4.46 -15.55 25.28
C GLN A 213 5.61 -16.54 25.06
N THR A 214 6.75 -16.30 25.69
CA THR A 214 7.89 -17.16 25.41
C THR A 214 7.78 -18.51 26.10
N GLN A 215 6.85 -18.66 27.05
CA GLN A 215 6.44 -19.95 27.58
C GLN A 215 6.26 -20.98 26.46
N SER A 216 5.42 -20.65 25.47
CA SER A 216 5.12 -21.51 24.32
C SER A 216 6.39 -22.02 23.63
N PHE A 217 7.47 -21.24 23.65
CA PHE A 217 8.67 -21.54 22.87
C PHE A 217 9.18 -22.93 23.21
N THR A 218 9.61 -23.66 22.18
CA THR A 218 10.29 -24.94 22.40
C THR A 218 11.74 -24.80 21.95
N SER A 219 12.06 -25.36 20.80
CA SER A 219 13.36 -25.18 20.15
C SER A 219 13.27 -25.88 18.80
N SER A 220 12.32 -26.81 18.74
CA SER A 220 12.05 -27.63 17.57
C SER A 220 11.37 -26.80 16.47
N GLU A 221 10.21 -26.24 16.78
CA GLU A 221 9.25 -25.69 15.83
C GLU A 221 9.25 -24.16 15.90
N THR A 222 8.74 -23.55 14.84
CA THR A 222 8.53 -22.11 14.78
C THR A 222 7.04 -21.85 14.96
N LYS A 223 6.68 -21.22 16.08
CA LYS A 223 5.28 -20.90 16.32
C LYS A 223 4.84 -19.74 15.44
N VAL A 224 3.59 -19.82 14.97
CA VAL A 224 3.03 -18.80 14.10
C VAL A 224 2.02 -18.00 14.92
N ILE A 225 2.26 -16.71 15.06
CA ILE A 225 1.46 -15.83 15.90
C ILE A 225 0.78 -14.80 15.00
N SER A 226 -0.44 -14.44 15.34
CA SER A 226 -1.15 -13.40 14.61
C SER A 226 -1.42 -12.22 15.54
N PRO A 227 -1.68 -11.03 15.00
CA PRO A 227 -1.77 -9.86 15.86
C PRO A 227 -2.98 -9.92 16.77
N ILE A 228 -2.86 -9.26 17.93
CA ILE A 228 -4.03 -9.07 18.79
C ILE A 228 -4.81 -7.82 18.39
N ALA A 229 -4.20 -6.90 17.64
CA ALA A 229 -4.89 -5.72 17.17
C ALA A 229 -4.12 -5.15 15.99
N LYS A 230 -4.82 -4.50 15.08
CA LYS A 230 -4.24 -3.79 13.94
C LYS A 230 -4.84 -2.39 13.91
N TYR A 231 -3.98 -1.38 13.77
CA TYR A 231 -4.42 0.01 13.68
C TYR A 231 -4.34 0.46 12.22
N HIS A 232 -5.44 0.97 11.68
CA HIS A 232 -5.44 1.61 10.37
C HIS A 232 -5.66 3.11 10.60
N ARG A 233 -4.61 3.75 11.12
CA ARG A 233 -4.70 5.14 11.53
C ARG A 233 -3.72 6.05 10.79
N HIS A 234 -2.66 5.50 10.21
CA HIS A 234 -1.76 6.31 9.40
C HIS A 234 -2.13 6.13 7.93
N THR A 235 -1.84 7.15 7.13
CA THR A 235 -2.12 7.12 5.70
C THR A 235 -0.86 7.03 4.87
N ASP A 236 0.25 6.59 5.46
CA ASP A 236 1.50 6.39 4.76
C ASP A 236 2.37 5.47 5.63
N ILE A 237 3.60 5.25 5.18
CA ILE A 237 4.54 4.36 5.86
C ILE A 237 4.67 4.76 7.33
N VAL A 238 4.59 3.76 8.21
CA VAL A 238 4.79 3.94 9.64
C VAL A 238 6.25 3.67 9.95
N ASN A 239 6.98 4.69 10.37
CA ASN A 239 8.44 4.57 10.45
C ASN A 239 8.92 4.15 11.83
N ASP A 240 8.17 4.45 12.90
CA ASP A 240 8.73 4.23 14.22
C ASP A 240 7.58 4.16 15.23
N VAL A 241 7.75 3.31 16.25
CA VAL A 241 6.81 3.20 17.36
C VAL A 241 7.61 3.06 18.64
N GLN A 242 7.08 3.62 19.73
CA GLN A 242 7.66 3.43 21.05
C GLN A 242 6.57 3.49 22.11
N PHE A 243 6.62 2.55 23.05
CA PHE A 243 5.78 2.62 24.24
C PHE A 243 6.30 3.64 25.24
N HIS A 244 5.39 4.28 25.95
CA HIS A 244 5.81 5.16 27.04
C HIS A 244 6.54 4.34 28.09
N PRO A 245 7.70 4.80 28.58
CA PRO A 245 8.43 4.02 29.60
C PRO A 245 7.68 3.83 30.91
N GLN A 246 6.68 4.67 31.20
CA GLN A 246 5.95 4.61 32.47
C GLN A 246 4.46 4.39 32.29
N HIS A 247 3.97 4.09 31.09
CA HIS A 247 2.55 3.79 30.92
C HIS A 247 2.40 2.66 29.92
N GLU A 248 1.93 1.50 30.40
CA GLU A 248 1.87 0.30 29.59
C GLU A 248 0.85 0.38 28.46
N ALA A 249 0.00 1.40 28.42
CA ALA A 249 -1.01 1.51 27.37
C ALA A 249 -0.75 2.64 26.39
N LEU A 250 0.30 3.43 26.57
CA LEU A 250 0.59 4.54 25.68
C LEU A 250 1.59 4.08 24.62
N LEU A 251 1.18 4.14 23.34
CA LEU A 251 2.05 3.87 22.21
C LEU A 251 2.14 5.11 21.33
N ALA A 252 3.37 5.51 20.98
CA ALA A 252 3.58 6.64 20.09
C ALA A 252 4.01 6.14 18.72
N SER A 253 3.51 6.77 17.66
CA SER A 253 3.91 6.36 16.32
C SER A 253 4.09 7.59 15.45
N VAL A 254 4.99 7.47 14.47
CA VAL A 254 5.27 8.55 13.52
C VAL A 254 5.35 7.96 12.13
N SER A 255 5.02 8.77 11.14
CA SER A 255 4.77 8.24 9.82
C SER A 255 5.21 9.22 8.75
N ASP A 256 5.44 8.67 7.55
CA ASP A 256 5.58 9.49 6.36
C ASP A 256 4.36 10.36 6.10
N ASP A 257 3.21 10.11 6.75
CA ASP A 257 2.05 10.99 6.58
C ASP A 257 2.17 12.28 7.38
N CYS A 258 3.33 12.53 8.00
CA CYS A 258 3.64 13.75 8.72
C CYS A 258 2.93 13.89 10.06
N THR A 259 2.41 12.80 10.63
CA THR A 259 1.74 12.86 11.92
C THR A 259 2.52 12.09 12.98
N LEU A 260 2.43 12.59 14.20
CA LEU A 260 2.76 11.85 15.39
C LEU A 260 1.43 11.52 16.06
N GLN A 261 1.22 10.26 16.41
CA GLN A 261 -0.04 9.81 16.97
C GLN A 261 0.19 9.11 18.30
N ILE A 262 -0.70 9.36 19.25
CA ILE A 262 -0.67 8.75 20.57
C ILE A 262 -1.87 7.82 20.69
N HIS A 263 -1.59 6.53 20.88
CA HIS A 263 -2.62 5.51 20.95
C HIS A 263 -2.77 5.04 22.39
N ASP A 264 -4.01 4.82 22.81
CA ASP A 264 -4.32 4.12 24.06
C ASP A 264 -4.69 2.70 23.66
N THR A 265 -3.81 1.74 23.94
CA THR A 265 -3.99 0.36 23.50
C THR A 265 -5.16 -0.34 24.18
N ARG A 266 -5.78 0.25 25.19
CA ARG A 266 -6.94 -0.36 25.81
C ARG A 266 -8.22 -0.06 25.05
N LEU A 267 -8.20 0.89 24.13
CA LEU A 267 -9.41 1.34 23.48
C LEU A 267 -9.67 0.57 22.18
N ASN A 268 -10.81 0.84 21.58
CA ASN A 268 -11.25 0.15 20.37
C ASN A 268 -10.30 0.50 19.22
N PRO A 269 -9.64 -0.49 18.60
CA PRO A 269 -8.70 -0.18 17.50
C PRO A 269 -9.37 0.48 16.29
N GLU A 270 -10.66 0.20 16.05
CA GLU A 270 -11.37 0.82 14.94
C GLU A 270 -11.45 2.32 15.11
N GLU A 271 -11.46 2.77 16.36
CA GLU A 271 -11.55 4.18 16.73
C GLU A 271 -10.30 4.92 16.26
N GLU A 272 -10.41 6.25 16.20
CA GLU A 272 -9.24 7.05 15.88
C GLU A 272 -8.31 7.12 17.09
N ALA A 273 -7.04 7.42 16.83
CA ALA A 273 -6.08 7.61 17.92
C ALA A 273 -6.52 8.81 18.74
N PRO A 274 -6.51 8.71 20.08
CA PRO A 274 -7.03 9.82 20.88
C PRO A 274 -6.35 11.16 20.63
N LYS A 275 -5.13 11.17 20.04
CA LYS A 275 -4.50 12.42 19.65
C LYS A 275 -3.66 12.23 18.39
N VAL A 276 -3.84 13.15 17.44
CA VAL A 276 -3.13 13.15 16.16
C VAL A 276 -2.48 14.52 16.05
N ILE A 277 -1.15 14.54 16.00
CA ILE A 277 -0.37 15.78 16.03
C ILE A 277 0.28 15.98 14.67
N GLN A 278 -0.03 17.10 14.01
CA GLN A 278 0.63 17.47 12.76
C GLN A 278 1.99 18.04 13.15
N ALA A 279 2.92 17.14 13.47
CA ALA A 279 4.14 17.56 14.17
C ALA A 279 5.12 18.24 13.22
N HIS A 280 5.17 17.77 11.97
CA HIS A 280 6.06 18.35 10.97
C HIS A 280 5.24 18.46 9.68
N SER A 281 5.74 19.26 8.75
CA SER A 281 5.10 19.34 7.43
C SER A 281 5.82 18.46 6.41
N LYS A 282 6.75 17.62 6.88
CA LYS A 282 7.43 16.62 6.06
C LYS A 282 7.53 15.34 6.87
N ALA A 283 7.99 14.28 6.20
CA ALA A 283 7.98 12.95 6.77
C ALA A 283 8.67 12.93 8.13
N ILE A 284 8.12 12.16 9.05
CA ILE A 284 8.67 12.01 10.40
C ILE A 284 9.24 10.61 10.52
N ASN A 285 10.54 10.51 10.79
CA ASN A 285 11.24 9.24 10.72
C ASN A 285 11.41 8.54 12.08
N ALA A 286 11.35 9.28 13.19
CA ALA A 286 11.65 8.68 14.47
C ALA A 286 10.88 9.40 15.57
N VAL A 287 10.62 8.69 16.65
CA VAL A 287 10.04 9.27 17.85
C VAL A 287 10.84 8.73 19.03
N ALA A 288 11.06 9.56 20.05
CA ALA A 288 11.83 9.17 21.23
C ALA A 288 11.23 9.84 22.46
N ILE A 289 10.80 9.04 23.43
CA ILE A 289 10.18 9.53 24.65
C ILE A 289 11.23 9.58 25.76
N ASN A 290 11.33 10.72 26.44
CA ASN A 290 12.37 10.90 27.44
C ASN A 290 12.27 9.84 28.53
N PRO A 291 13.38 9.23 28.94
CA PRO A 291 13.30 8.19 29.98
C PRO A 291 13.19 8.72 31.40
N PHE A 292 13.33 10.03 31.63
CA PHE A 292 13.22 10.64 32.95
C PHE A 292 12.06 11.61 33.07
N ASN A 293 11.77 12.36 32.02
CA ASN A 293 10.72 13.38 32.03
C ASN A 293 9.51 12.82 31.29
N ASP A 294 8.45 12.49 32.04
CA ASP A 294 7.34 11.72 31.49
C ASP A 294 6.53 12.43 30.41
N TYR A 295 6.70 13.72 30.21
CA TYR A 295 5.92 14.46 29.23
C TYR A 295 6.76 14.94 28.05
N LEU A 296 8.04 14.65 28.05
CA LEU A 296 8.96 15.18 27.06
C LEU A 296 9.19 14.15 25.95
N LEU A 297 8.98 14.57 24.71
CA LEU A 297 9.00 13.69 23.56
C LEU A 297 9.70 14.41 22.42
N ALA A 298 10.43 13.66 21.60
CA ALA A 298 11.14 14.24 20.47
C ALA A 298 10.72 13.55 19.19
N THR A 299 10.66 14.31 18.08
CA THR A 299 10.40 13.72 16.76
C THR A 299 11.48 14.17 15.79
N ALA A 300 11.90 13.26 14.90
CA ALA A 300 12.92 13.56 13.90
C ALA A 300 12.31 13.49 12.50
N SER A 301 12.61 14.48 11.68
CA SER A 301 11.87 14.63 10.43
C SER A 301 12.78 14.86 9.23
N ALA A 302 12.19 14.60 8.05
CA ALA A 302 12.83 14.90 6.78
C ALA A 302 13.06 16.39 6.59
N ASP A 303 12.43 17.24 7.40
CA ASP A 303 12.66 18.68 7.29
C ASP A 303 13.98 19.13 7.92
N LYS A 304 14.87 18.20 8.31
CA LYS A 304 16.24 18.42 8.80
C LYS A 304 16.27 18.87 10.26
N THR A 305 15.19 18.63 10.97
CA THR A 305 14.96 19.20 12.27
C THR A 305 14.53 18.13 13.28
N VAL A 306 14.80 18.39 14.56
CA VAL A 306 14.21 17.62 15.65
C VAL A 306 13.29 18.54 16.43
N ALA A 307 12.03 18.11 16.63
CA ALA A 307 11.07 18.92 17.37
C ALA A 307 10.87 18.30 18.74
N LEU A 308 10.69 19.14 19.76
CA LEU A 308 10.43 18.70 21.12
C LEU A 308 8.99 19.03 21.51
N TRP A 309 8.39 18.18 22.33
CA TRP A 309 6.96 18.27 22.60
C TRP A 309 6.69 18.00 24.07
N ASP A 310 5.68 18.69 24.60
CA ASP A 310 5.08 18.37 25.90
C ASP A 310 3.77 17.65 25.61
N LEU A 311 3.70 16.38 26.00
CA LEU A 311 2.50 15.58 25.74
C LEU A 311 1.24 16.18 26.35
N ARG A 312 1.38 16.99 27.40
CA ARG A 312 0.20 17.63 27.98
C ARG A 312 -0.29 18.79 27.16
N ASN A 313 0.58 19.39 26.36
CA ASN A 313 0.24 20.55 25.54
C ASN A 313 0.72 20.20 24.13
N PRO A 314 0.03 19.28 23.46
CA PRO A 314 0.65 18.47 22.40
C PRO A 314 0.63 19.06 21.01
N TYR A 315 -0.22 20.06 20.75
CA TYR A 315 -0.28 20.59 19.41
C TYR A 315 0.57 21.84 19.26
N GLN A 316 1.35 22.19 20.28
CA GLN A 316 2.25 23.33 20.15
C GLN A 316 3.66 22.98 20.60
N ARG A 317 4.54 22.89 19.61
CA ARG A 317 5.92 22.47 19.76
C ARG A 317 6.65 23.28 20.83
N LEU A 318 7.41 22.57 21.67
CA LEU A 318 8.22 23.22 22.70
C LEU A 318 9.39 24.00 22.11
N HIS A 319 10.06 23.43 21.11
CA HIS A 319 11.35 23.94 20.62
C HIS A 319 11.71 23.17 19.36
N THR A 320 12.59 23.77 18.56
CA THR A 320 13.08 23.14 17.34
C THR A 320 14.60 23.06 17.41
N LEU A 321 15.14 21.86 17.27
CA LEU A 321 16.58 21.66 17.29
C LEU A 321 17.08 21.70 15.84
N GLU A 322 17.79 22.76 15.50
CA GLU A 322 18.27 22.98 14.13
C GLU A 322 19.78 22.80 14.06
N GLY A 323 20.24 22.24 12.96
CA GLY A 323 21.68 22.00 12.84
C GLY A 323 21.99 20.99 11.76
N HIS A 324 21.21 19.92 11.70
CA HIS A 324 21.46 18.92 10.66
C HIS A 324 21.29 19.56 9.28
N GLU A 325 22.05 19.04 8.31
CA GLU A 325 22.03 19.58 6.96
C GLU A 325 21.24 18.73 5.99
N ASP A 326 20.65 17.63 6.44
CA ASP A 326 19.82 16.76 5.62
C ASP A 326 18.80 16.10 6.53
N GLU A 327 18.04 15.15 5.99
CA GLU A 327 16.99 14.48 6.74
C GLU A 327 17.54 13.86 8.02
N VAL A 328 16.75 13.92 9.09
CA VAL A 328 17.08 13.27 10.35
C VAL A 328 16.31 11.95 10.42
N TYR A 329 17.01 10.87 10.76
CA TYR A 329 16.47 9.51 10.82
C TYR A 329 16.62 8.87 12.17
N GLY A 330 17.74 9.07 12.85
CA GLY A 330 18.01 8.42 14.12
C GLY A 330 17.81 9.35 15.29
N LEU A 331 17.36 8.78 16.42
CA LEU A 331 16.98 9.59 17.58
C LEU A 331 16.96 8.72 18.82
N GLU A 332 17.74 9.09 19.85
CA GLU A 332 17.74 8.33 21.09
C GLU A 332 18.18 9.22 22.25
N TRP A 333 17.35 9.29 23.29
CA TRP A 333 17.73 10.03 24.48
C TRP A 333 18.90 9.34 25.17
N SER A 334 19.71 10.13 25.87
CA SER A 334 20.72 9.52 26.73
C SER A 334 20.03 8.69 27.80
N PRO A 335 20.50 7.47 28.07
CA PRO A 335 19.93 6.68 29.16
C PRO A 335 20.35 7.17 30.54
N HIS A 336 21.25 8.13 30.63
CA HIS A 336 21.78 8.57 31.91
C HIS A 336 21.45 10.01 32.27
N ASP A 337 21.27 10.91 31.30
CA ASP A 337 21.09 12.33 31.60
C ASP A 337 19.84 12.83 30.88
N GLU A 338 18.86 13.28 31.66
CA GLU A 338 17.58 13.75 31.13
C GLU A 338 17.69 14.78 30.01
N PRO A 339 18.55 15.80 30.07
CA PRO A 339 18.55 16.81 29.01
C PRO A 339 19.38 16.46 27.78
N ILE A 340 19.95 15.27 27.66
CA ILE A 340 20.89 14.95 26.59
C ILE A 340 20.21 14.06 25.55
N LEU A 341 20.25 14.50 24.29
CA LEU A 341 19.59 13.83 23.17
C LEU A 341 20.56 13.69 22.00
N ALA A 342 20.54 12.54 21.35
CA ALA A 342 21.34 12.28 20.16
C ALA A 342 20.46 12.08 18.94
N SER A 343 20.93 12.57 17.79
CA SER A 343 20.24 12.39 16.52
C SER A 343 21.26 12.10 15.43
N SER A 344 20.80 11.46 14.36
CA SER A 344 21.65 11.13 13.23
C SER A 344 20.89 11.42 11.95
N SER A 345 21.66 11.62 10.88
CA SER A 345 21.12 12.23 9.68
C SER A 345 21.85 11.72 8.44
N THR A 346 21.18 11.84 7.30
CA THR A 346 21.86 11.55 6.04
C THR A 346 22.94 12.58 5.72
N ASP A 347 23.12 13.61 6.55
CA ASP A 347 24.28 14.48 6.44
C ASP A 347 25.56 13.84 7.00
N ARG A 348 25.49 12.56 7.35
CA ARG A 348 26.63 11.75 7.84
C ARG A 348 27.10 12.17 9.23
N ARG A 349 26.29 12.90 10.00
CA ARG A 349 26.68 13.31 11.34
C ARG A 349 25.78 12.67 12.39
N VAL A 350 26.37 12.37 13.56
CA VAL A 350 25.61 12.15 14.79
C VAL A 350 25.81 13.40 15.64
N CYS A 351 24.70 14.01 16.04
CA CYS A 351 24.74 15.21 16.86
C CYS A 351 24.21 14.90 18.26
N ILE A 352 24.80 15.57 19.24
CA ILE A 352 24.36 15.42 20.63
C ILE A 352 23.97 16.79 21.12
N TRP A 353 22.74 16.90 21.62
CA TRP A 353 22.11 18.13 22.04
C TRP A 353 21.99 18.17 23.56
N ASP A 354 22.14 19.36 24.13
CA ASP A 354 21.99 19.61 25.55
C ASP A 354 20.87 20.63 25.75
N LEU A 355 19.69 20.14 26.15
CA LEU A 355 18.50 20.99 26.30
C LEU A 355 18.70 22.11 27.31
N GLU A 356 19.57 21.93 28.31
CA GLU A 356 19.81 22.98 29.30
C GLU A 356 20.44 24.23 28.69
N LYS A 357 21.07 24.12 27.53
CA LYS A 357 21.69 25.29 26.91
C LYS A 357 20.73 26.07 26.01
N ILE A 358 19.47 25.62 25.86
CA ILE A 358 18.53 26.29 24.98
C ILE A 358 18.32 27.72 25.43
N GLY A 359 18.45 28.66 24.48
CA GLY A 359 18.19 30.05 24.73
C GLY A 359 19.35 30.88 25.22
N GLU A 360 20.51 30.27 25.44
CA GLU A 360 21.68 31.04 25.83
C GLU A 360 22.16 31.90 24.67
N GLU A 361 22.92 32.93 25.01
CA GLU A 361 23.54 33.81 24.03
C GLU A 361 24.96 33.33 23.75
N GLN A 362 25.48 33.70 22.58
CA GLN A 362 26.80 33.25 22.15
C GLN A 362 27.57 34.39 21.51
N THR A 363 28.89 34.27 21.52
CA THR A 363 29.74 35.15 20.74
C THR A 363 29.52 34.85 19.26
N PRO A 364 29.75 35.82 18.38
CA PRO A 364 29.59 35.53 16.94
C PRO A 364 30.44 34.37 16.46
N GLU A 365 31.66 34.23 16.98
CA GLU A 365 32.51 33.11 16.57
C GLU A 365 31.91 31.78 16.97
N ASP A 366 31.44 31.66 18.21
CA ASP A 366 30.83 30.41 18.67
C ASP A 366 29.58 30.07 17.87
N ALA A 367 28.79 31.08 17.52
CA ALA A 367 27.55 30.84 16.77
C ALA A 367 27.81 30.26 15.39
N GLU A 368 29.03 30.38 14.85
CA GLU A 368 29.35 29.76 13.58
C GLU A 368 29.26 28.24 13.66
N ASP A 369 29.40 27.65 14.86
CA ASP A 369 29.20 26.22 15.00
C ASP A 369 27.75 25.85 15.16
N GLY A 370 26.84 26.81 15.29
CA GLY A 370 25.44 26.48 15.45
C GLY A 370 24.89 26.90 16.79
N SER A 371 23.65 26.45 17.03
CA SER A 371 22.90 26.76 18.24
C SER A 371 23.67 26.34 19.49
N PRO A 372 23.48 27.05 20.60
CA PRO A 372 24.22 26.69 21.82
C PRO A 372 23.88 25.30 22.33
N GLU A 373 22.65 24.80 22.10
CA GLU A 373 22.29 23.48 22.58
C GLU A 373 22.89 22.34 21.75
N LEU A 374 23.51 22.63 20.62
CA LEU A 374 24.27 21.62 19.89
C LEU A 374 25.61 21.45 20.62
N LEU A 375 25.67 20.43 21.47
CA LEU A 375 26.83 20.23 22.34
C LEU A 375 28.00 19.65 21.57
N PHE A 376 27.74 18.62 20.76
CA PHE A 376 28.82 17.85 20.16
C PHE A 376 28.37 17.30 18.81
N MET A 377 29.34 17.19 17.90
CA MET A 377 29.12 16.62 16.57
C MET A 377 30.14 15.52 16.32
N HIS A 378 29.64 14.37 15.92
CA HIS A 378 30.48 13.25 15.50
C HIS A 378 30.47 13.17 13.98
N GLY A 379 31.62 13.39 13.36
CA GLY A 379 31.72 13.38 11.91
C GLY A 379 32.64 12.32 11.35
N GLY A 380 32.77 11.18 12.04
CA GLY A 380 33.67 10.14 11.59
C GLY A 380 33.15 9.22 10.49
N HIS A 381 31.86 9.24 10.19
CA HIS A 381 31.29 8.30 9.22
C HIS A 381 31.39 8.88 7.82
N THR A 382 31.63 7.99 6.85
CA THR A 382 31.82 8.40 5.47
C THR A 382 30.63 8.01 4.59
N ASN A 383 29.50 7.67 5.21
CA ASN A 383 28.32 7.30 4.47
C ASN A 383 27.11 7.60 5.32
N ARG A 384 25.94 7.33 4.73
CA ARG A 384 24.67 7.47 5.44
C ARG A 384 24.74 6.68 6.73
N ILE A 385 24.30 7.30 7.82
CA ILE A 385 24.27 6.63 9.11
C ILE A 385 23.01 5.77 9.21
N SER A 386 23.19 4.49 9.52
CA SER A 386 22.08 3.56 9.58
C SER A 386 21.35 3.64 10.91
N GLU A 387 22.09 3.55 12.02
CA GLU A 387 21.50 3.57 13.35
C GLU A 387 22.63 3.76 14.35
N PHE A 388 22.29 4.24 15.54
CA PHE A 388 23.26 4.35 16.63
C PHE A 388 22.57 3.92 17.92
N SER A 389 23.38 3.66 18.94
CA SER A 389 22.91 3.16 20.22
C SER A 389 23.84 3.63 21.34
N TRP A 390 23.25 4.27 22.35
CA TRP A 390 23.98 4.68 23.55
C TRP A 390 24.43 3.48 24.37
N CYS A 391 25.69 3.47 24.80
CA CYS A 391 26.17 2.37 25.64
C CYS A 391 25.65 2.52 27.06
N PRO A 392 24.93 1.54 27.60
CA PRO A 392 24.30 1.72 28.92
C PRO A 392 25.26 1.57 30.09
N ASN A 393 26.45 1.04 29.88
CA ASN A 393 27.36 0.76 30.98
C ASN A 393 28.57 1.69 31.00
N GLU A 394 28.58 2.71 30.18
CA GLU A 394 29.70 3.63 30.14
C GLU A 394 29.18 5.06 30.18
N ARG A 395 30.11 5.99 30.29
CA ARG A 395 29.80 7.41 30.31
C ARG A 395 30.01 7.98 28.91
N TRP A 396 28.90 8.41 28.28
CA TRP A 396 28.93 9.12 27.01
C TRP A 396 29.60 8.30 25.91
N VAL A 397 29.25 7.02 25.81
CA VAL A 397 29.79 6.15 24.76
C VAL A 397 28.66 5.76 23.82
N VAL A 398 28.90 5.90 22.52
CA VAL A 398 27.91 5.62 21.48
C VAL A 398 28.51 4.63 20.48
N GLY A 399 27.71 3.67 20.04
CA GLY A 399 28.06 2.82 18.90
C GLY A 399 27.20 3.21 17.70
N SER A 400 27.86 3.46 16.57
CA SER A 400 27.11 3.95 15.41
C SER A 400 27.56 3.24 14.13
N LEU A 401 26.62 3.09 13.19
CA LEU A 401 26.83 2.37 11.95
C LEU A 401 26.54 3.25 10.74
N ALA A 402 27.22 2.96 9.63
CA ALA A 402 26.93 3.60 8.36
C ALA A 402 26.86 2.54 7.27
N ASP A 403 26.52 2.98 6.05
CA ASP A 403 26.34 2.08 4.92
C ASP A 403 27.61 1.30 4.53
N ASP A 404 28.79 1.80 4.87
CA ASP A 404 30.00 1.21 4.31
C ASP A 404 30.67 0.22 5.26
N ASN A 405 29.88 -0.54 6.02
CA ASN A 405 30.34 -1.65 6.86
C ASN A 405 31.19 -1.21 8.05
N ILE A 406 31.30 0.08 8.33
CA ILE A 406 32.17 0.54 9.41
C ILE A 406 31.34 0.73 10.67
N LEU A 407 31.79 0.09 11.75
CA LEU A 407 31.25 0.31 13.08
C LEU A 407 32.21 1.23 13.83
N GLN A 408 31.65 2.23 14.51
CA GLN A 408 32.45 3.14 15.34
C GLN A 408 31.91 3.16 16.75
N ILE A 409 32.81 3.08 17.73
CA ILE A 409 32.47 3.13 19.14
C ILE A 409 33.25 4.31 19.70
N TRP A 410 32.54 5.37 20.12
CA TRP A 410 33.20 6.63 20.41
C TRP A 410 32.62 7.30 21.64
N SER A 411 33.42 8.22 22.20
CA SER A 411 33.03 8.91 23.42
C SER A 411 33.64 10.31 23.36
N PRO A 412 32.82 11.36 23.36
CA PRO A 412 33.37 12.72 23.34
C PRO A 412 34.19 13.04 24.59
N SER A 413 35.13 13.96 24.45
CA SER A 413 35.98 14.35 25.57
C SER A 413 35.16 14.85 26.75
N ARG A 414 35.49 14.37 27.96
CA ARG A 414 34.85 14.83 29.18
C ARG A 414 35.00 16.33 29.39
N VAL A 415 36.05 16.93 28.84
CA VAL A 415 36.17 18.39 28.86
C VAL A 415 34.93 19.04 28.26
N ILE A 416 34.33 18.41 27.26
CA ILE A 416 33.20 19.05 26.59
C ILE A 416 31.90 18.88 27.39
N TRP A 417 31.64 17.69 27.92
CA TRP A 417 30.34 17.44 28.52
C TRP A 417 30.33 17.51 30.04
N GLY A 418 31.49 17.57 30.69
CA GLY A 418 31.53 17.58 32.14
C GLY A 418 31.43 18.97 32.72
N GLU B 5 39.59 -7.51 15.53
CA GLU B 5 40.46 -6.81 14.57
C GLU B 5 40.00 -5.35 14.47
N THR B 6 40.54 -4.52 15.36
CA THR B 6 40.01 -3.20 15.65
C THR B 6 41.09 -2.12 15.66
N GLU B 7 40.78 -0.95 15.08
CA GLU B 7 41.67 0.20 15.15
C GLU B 7 41.26 1.11 16.31
N LEU B 8 42.22 1.41 17.19
CA LEU B 8 42.02 2.35 18.30
C LEU B 8 42.65 3.68 17.93
N LEU B 9 41.82 4.65 17.56
CA LEU B 9 42.33 5.93 17.07
C LEU B 9 42.73 6.86 18.20
N VAL B 10 42.12 6.74 19.38
CA VAL B 10 42.48 7.57 20.51
C VAL B 10 41.97 6.93 21.78
N LEU B 11 42.77 7.04 22.84
CA LEU B 11 42.36 6.65 24.20
C LEU B 11 43.00 7.62 25.17
N ARG B 12 42.17 8.35 25.92
CA ARG B 12 42.63 9.23 26.98
C ARG B 12 41.90 8.84 28.25
N PHE B 13 42.64 8.27 29.20
CA PHE B 13 42.06 7.78 30.44
C PHE B 13 41.46 8.93 31.24
N ARG B 14 40.24 8.71 31.76
CA ARG B 14 39.54 9.69 32.60
C ARG B 14 39.95 9.41 34.05
N GLU B 15 40.83 10.26 34.59
CA GLU B 15 41.24 10.12 35.97
C GLU B 15 40.10 10.41 36.93
N PHE B 16 40.29 9.99 38.18
CA PHE B 16 39.32 10.15 39.26
C PHE B 16 38.84 11.59 39.37
N GLY B 17 37.53 11.75 39.47
CA GLY B 17 36.89 12.96 39.95
C GLY B 17 36.45 13.96 38.90
N VAL B 18 35.24 14.47 39.06
CA VAL B 18 34.67 15.51 38.18
C VAL B 18 33.84 16.44 39.07
N ASN B 23 21.31 17.65 38.38
CA ASN B 23 21.13 16.61 37.38
C ASN B 23 19.62 16.70 37.53
N HIS B 24 19.17 17.94 37.49
CA HIS B 24 17.88 18.54 37.82
C HIS B 24 16.86 18.36 36.69
N PRO B 25 15.60 18.12 37.02
CA PRO B 25 14.61 17.91 35.96
C PRO B 25 14.39 19.19 35.18
N ILE B 26 14.12 19.02 33.88
CA ILE B 26 13.79 20.15 33.02
C ILE B 26 12.35 20.55 33.25
N ASN B 27 12.11 21.85 33.50
CA ASN B 27 10.75 22.35 33.52
C ASN B 27 10.35 22.72 32.08
N LEU B 28 9.33 22.04 31.55
CA LEU B 28 8.98 22.22 30.14
C LEU B 28 8.36 23.58 29.88
N HIS B 29 7.62 24.12 30.86
CA HIS B 29 7.09 25.47 30.71
C HIS B 29 8.20 26.50 30.65
N SER B 30 9.25 26.31 31.45
CA SER B 30 10.40 27.22 31.37
C SER B 30 11.15 27.07 30.06
N LEU B 31 11.33 25.83 29.59
CA LEU B 31 11.98 25.62 28.29
C LEU B 31 11.18 26.28 27.16
N ARG B 32 9.85 26.16 27.18
CA ARG B 32 9.05 26.77 26.12
C ARG B 32 9.23 28.29 26.08
N SER B 33 9.17 28.94 27.24
CA SER B 33 9.34 30.40 27.25
C SER B 33 10.74 30.81 26.83
N LYS B 34 11.78 30.11 27.31
CA LYS B 34 13.14 30.44 26.88
C LYS B 34 13.31 30.26 25.38
N SER B 35 12.74 29.20 24.81
CA SER B 35 12.81 29.05 23.38
C SER B 35 12.18 30.26 22.67
N LEU B 36 10.96 30.66 23.10
CA LEU B 36 10.23 31.69 22.38
C LEU B 36 10.88 33.05 22.57
N ILE B 37 11.37 33.33 23.78
CA ILE B 37 11.98 34.60 24.09
C ILE B 37 13.30 34.75 23.36
N ARG B 38 14.07 33.66 23.26
CA ARG B 38 15.31 33.73 22.52
C ARG B 38 15.05 34.00 21.05
N ALA B 39 13.99 33.41 20.49
CA ALA B 39 13.63 33.65 19.10
C ALA B 39 13.25 35.10 18.86
N GLN B 40 12.54 35.72 19.80
CA GLN B 40 12.24 37.15 19.67
C GLN B 40 13.53 37.97 19.64
N GLY B 41 14.45 37.67 20.57
CA GLY B 41 15.69 38.44 20.63
C GLY B 41 16.58 38.26 19.43
N LYS B 42 16.49 37.12 18.75
CA LYS B 42 17.36 36.84 17.62
C LYS B 42 16.78 37.34 16.31
N LYS B 43 15.46 37.56 16.25
CA LYS B 43 14.89 38.28 15.12
C LYS B 43 15.21 39.77 15.21
N LEU B 44 15.20 40.32 16.42
CA LEU B 44 15.48 41.74 16.59
C LEU B 44 16.94 42.05 16.32
N ASP B 45 17.84 41.15 16.71
CA ASP B 45 19.27 41.46 16.58
C ASP B 45 19.80 41.16 15.18
N LEU B 46 19.34 40.08 14.55
CA LEU B 46 19.97 39.55 13.36
C LEU B 46 19.15 39.66 12.09
N HIS B 47 17.82 39.59 12.17
CA HIS B 47 17.00 39.49 10.98
C HIS B 47 16.61 40.87 10.46
N ASN B 48 16.54 41.00 9.13
CA ASN B 48 16.40 42.24 8.37
C ASN B 48 16.84 43.47 9.15
N ARG B 49 18.15 43.65 9.30
CA ARG B 49 18.65 44.83 9.99
C ARG B 49 18.16 46.09 9.31
N VAL B 50 18.05 47.17 10.08
CA VAL B 50 17.69 48.46 9.53
C VAL B 50 18.92 49.30 9.21
N PHE B 51 20.07 48.96 9.78
CA PHE B 51 21.34 49.58 9.44
C PHE B 51 22.46 48.58 9.68
N LEU B 52 23.62 48.83 9.09
CA LEU B 52 24.80 47.99 9.27
C LEU B 52 25.55 48.42 10.52
N ARG B 53 25.68 47.52 11.49
CA ARG B 53 26.40 47.87 12.73
C ARG B 53 27.83 48.29 12.41
N ARG B 54 28.46 47.65 11.44
CA ARG B 54 29.84 48.02 11.11
C ARG B 54 29.92 49.45 10.57
N ASN B 55 28.86 49.97 9.94
CA ASN B 55 28.85 51.37 9.55
C ASN B 55 28.96 52.28 10.76
N VAL B 56 28.17 52.01 11.80
CA VAL B 56 28.16 52.86 12.98
C VAL B 56 29.53 52.83 13.66
N ARG B 57 30.10 51.64 13.81
CA ARG B 57 31.41 51.53 14.44
C ARG B 57 32.46 52.33 13.67
N ALA B 58 32.37 52.34 12.33
CA ALA B 58 33.37 53.06 11.55
C ALA B 58 33.24 54.57 11.74
N VAL B 59 32.00 55.05 11.84
CA VAL B 59 31.77 56.49 11.96
C VAL B 59 32.11 56.95 13.37
N LYS B 60 31.90 56.11 14.38
CA LYS B 60 32.20 56.48 15.76
C LYS B 60 33.68 56.38 16.11
N MET B 61 34.47 55.67 15.30
CA MET B 61 35.88 55.50 15.58
C MET B 61 36.67 56.77 15.26
N GLU C 15 7.16 -15.38 -34.92
CA GLU C 15 6.71 -14.24 -34.11
C GLU C 15 6.35 -13.07 -35.00
N LEU C 16 7.32 -12.64 -35.83
CA LEU C 16 7.01 -11.70 -36.89
C LEU C 16 5.91 -12.24 -37.80
N ASN C 17 5.98 -13.52 -38.18
CA ASN C 17 4.94 -14.11 -39.01
C ASN C 17 3.61 -14.15 -38.26
N ALA C 18 3.65 -14.49 -36.97
CA ALA C 18 2.43 -14.50 -36.17
C ALA C 18 1.79 -13.11 -36.13
N GLU C 19 2.61 -12.07 -35.95
CA GLU C 19 2.05 -10.72 -35.88
C GLU C 19 1.42 -10.30 -37.21
N ILE C 20 2.04 -10.70 -38.32
CA ILE C 20 1.48 -10.39 -39.64
C ILE C 20 0.14 -11.11 -39.82
N ASP C 21 0.10 -12.38 -39.47
CA ASP C 21 -1.12 -13.15 -39.68
C ASP C 21 -2.25 -12.62 -38.81
N LEU C 22 -1.94 -12.23 -37.58
CA LEU C 22 -2.97 -11.75 -36.67
C LEU C 22 -3.58 -10.45 -37.18
N GLN C 23 -2.73 -9.52 -37.62
CA GLN C 23 -3.24 -8.25 -38.13
C GLN C 23 -4.07 -8.46 -39.40
N LYS C 24 -3.68 -9.43 -40.24
CA LYS C 24 -4.47 -9.70 -41.43
C LYS C 24 -5.79 -10.37 -41.09
N THR C 25 -5.77 -11.31 -40.13
CA THR C 25 -6.99 -11.98 -39.70
C THR C 25 -8.00 -10.99 -39.11
N ILE C 26 -7.53 -10.08 -38.28
CA ILE C 26 -8.41 -9.10 -37.66
C ILE C 26 -9.01 -8.21 -38.74
N GLN C 27 -8.20 -7.82 -39.72
CA GLN C 27 -8.71 -7.00 -40.82
C GLN C 27 -9.79 -7.74 -41.60
N GLU C 28 -9.55 -8.99 -41.94
CA GLU C 28 -10.54 -9.79 -42.65
C GLU C 28 -11.78 -10.01 -41.78
N GLU C 29 -11.60 -10.27 -40.48
CA GLU C 29 -12.75 -10.49 -39.60
C GLU C 29 -13.63 -9.27 -39.50
N TYR C 30 -13.03 -8.08 -39.34
CA TYR C 30 -13.83 -6.86 -39.20
C TYR C 30 -14.59 -6.55 -40.48
N LYS C 31 -13.98 -6.91 -41.63
CA LYS C 31 -14.59 -6.79 -42.95
C LYS C 31 -15.88 -7.59 -43.00
N LEU C 32 -15.77 -8.87 -42.62
CA LEU C 32 -16.87 -9.81 -42.65
C LEU C 32 -17.95 -9.42 -41.66
N TRP C 33 -17.55 -8.95 -40.48
CA TRP C 33 -18.54 -8.50 -39.50
C TRP C 33 -19.40 -7.37 -40.07
N LYS C 34 -18.76 -6.33 -40.59
CA LYS C 34 -19.50 -5.18 -41.11
C LYS C 34 -20.53 -5.61 -42.16
N GLN C 35 -20.17 -6.58 -43.01
CA GLN C 35 -21.10 -7.06 -44.03
C GLN C 35 -22.33 -7.72 -43.43
N ASN C 36 -22.22 -8.26 -42.21
CA ASN C 36 -23.33 -8.98 -41.63
C ASN C 36 -24.04 -8.18 -40.54
N VAL C 37 -23.50 -7.02 -40.19
CA VAL C 37 -24.16 -6.17 -39.21
C VAL C 37 -25.65 -6.00 -39.49
N PRO C 38 -26.10 -5.73 -40.72
CA PRO C 38 -27.54 -5.55 -40.95
C PRO C 38 -28.39 -6.76 -40.55
N PHE C 39 -27.81 -7.95 -40.50
CA PHE C 39 -28.53 -9.17 -40.15
C PHE C 39 -28.25 -9.62 -38.72
N LEU C 40 -27.72 -8.73 -37.89
CA LEU C 40 -27.30 -9.11 -36.55
C LEU C 40 -27.81 -8.13 -35.49
N TYR C 41 -27.92 -6.85 -35.83
CA TYR C 41 -28.16 -5.81 -34.86
C TYR C 41 -29.35 -4.94 -35.23
N ASP C 42 -30.03 -4.44 -34.21
CA ASP C 42 -30.97 -3.36 -34.38
C ASP C 42 -30.33 -2.00 -34.26
N LEU C 43 -29.13 -1.92 -33.66
CA LEU C 43 -28.44 -0.65 -33.49
C LEU C 43 -26.95 -0.90 -33.36
N VAL C 44 -26.13 -0.20 -34.16
CA VAL C 44 -24.67 -0.17 -33.97
C VAL C 44 -24.19 1.24 -34.18
N ILE C 45 -23.48 1.77 -33.18
CA ILE C 45 -22.83 3.07 -33.21
C ILE C 45 -21.37 2.87 -32.83
N THR C 46 -20.46 3.42 -33.63
CA THR C 46 -19.03 3.40 -33.33
C THR C 46 -18.52 4.82 -33.14
N HIS C 47 -17.47 4.96 -32.33
CA HIS C 47 -16.93 6.27 -32.01
C HIS C 47 -15.48 6.11 -31.62
N ALA C 48 -14.59 6.90 -32.25
CA ALA C 48 -13.17 6.90 -31.95
C ALA C 48 -12.90 7.89 -30.83
N LEU C 49 -12.45 7.39 -29.68
CA LEU C 49 -12.13 8.25 -28.55
C LEU C 49 -10.76 8.90 -28.72
N GLU C 50 -10.57 10.04 -28.06
CA GLU C 50 -9.26 10.67 -28.05
C GLU C 50 -8.26 9.84 -27.27
N TRP C 51 -8.67 9.31 -26.11
CA TRP C 51 -7.80 8.41 -25.36
C TRP C 51 -8.48 7.06 -25.15
N PRO C 52 -7.74 5.95 -25.17
CA PRO C 52 -8.33 4.67 -24.79
C PRO C 52 -8.69 4.66 -23.32
N SER C 53 -9.79 3.97 -23.00
CA SER C 53 -10.29 3.88 -21.63
C SER C 53 -10.22 2.44 -21.15
N LEU C 54 -9.85 2.28 -19.88
CA LEU C 54 -9.88 0.94 -19.29
C LEU C 54 -11.24 0.60 -18.67
N THR C 55 -12.15 1.56 -18.56
CA THR C 55 -13.37 1.36 -17.77
C THR C 55 -14.55 2.03 -18.47
N ILE C 56 -15.75 1.49 -18.27
CA ILE C 56 -16.98 2.06 -18.80
C ILE C 56 -18.13 1.63 -17.90
N GLN C 57 -19.03 2.57 -17.61
CA GLN C 57 -20.24 2.28 -16.86
C GLN C 57 -21.30 3.30 -17.26
N TRP C 58 -22.48 2.82 -17.65
CA TRP C 58 -23.59 3.74 -17.89
C TRP C 58 -24.05 4.34 -16.58
N LEU C 59 -24.30 5.65 -16.57
CA LEU C 59 -24.98 6.27 -15.44
C LEU C 59 -26.48 5.98 -15.54
N PRO C 60 -27.22 6.08 -14.43
CA PRO C 60 -28.62 5.63 -14.44
C PRO C 60 -29.61 6.48 -15.23
N ASP C 61 -29.25 7.70 -15.64
CA ASP C 61 -30.22 8.67 -16.13
C ASP C 61 -30.40 8.62 -17.64
N LYS C 62 -31.65 8.81 -18.08
CA LYS C 62 -31.98 8.99 -19.48
C LYS C 62 -32.93 10.18 -19.58
N LYS C 63 -32.71 11.05 -20.57
CA LYS C 63 -33.49 12.28 -20.65
C LYS C 63 -33.99 12.36 -22.10
N THR C 64 -35.30 12.18 -22.32
CA THR C 64 -35.83 12.42 -23.67
C THR C 64 -35.80 13.91 -23.98
N ILE C 65 -35.13 14.29 -25.08
CA ILE C 65 -34.94 15.69 -25.44
C ILE C 65 -36.05 16.11 -26.41
N PRO C 66 -36.93 17.04 -26.02
CA PRO C 66 -38.04 17.42 -26.89
C PRO C 66 -37.57 18.10 -28.17
N GLY C 67 -38.27 17.81 -29.27
CA GLY C 67 -37.89 18.32 -30.58
C GLY C 67 -36.85 17.51 -31.31
N THR C 68 -36.45 16.36 -30.77
CA THR C 68 -35.41 15.52 -31.37
C THR C 68 -35.88 14.09 -31.48
N ASP C 69 -35.06 13.26 -32.12
CA ASP C 69 -35.32 11.83 -32.26
C ASP C 69 -34.38 11.01 -31.38
N TYR C 70 -33.91 11.57 -30.28
CA TYR C 70 -32.94 10.89 -29.44
C TYR C 70 -33.18 11.22 -27.98
N SER C 71 -32.47 10.50 -27.12
CA SER C 71 -32.38 10.82 -25.70
C SER C 71 -30.91 11.03 -25.34
N ILE C 72 -30.68 11.62 -24.16
CA ILE C 72 -29.34 11.81 -23.65
C ILE C 72 -29.10 10.77 -22.56
N GLN C 73 -28.08 9.94 -22.77
CA GLN C 73 -27.65 8.99 -21.77
C GLN C 73 -26.14 9.13 -21.63
N ARG C 74 -25.60 8.73 -20.48
CA ARG C 74 -24.25 9.11 -20.13
C ARG C 74 -23.42 7.90 -19.67
N LEU C 75 -22.12 8.00 -19.95
CA LEU C 75 -21.12 6.96 -19.73
C LEU C 75 -19.97 7.52 -18.88
N ILE C 76 -19.51 6.72 -17.92
CA ILE C 76 -18.30 7.03 -17.17
C ILE C 76 -17.13 6.33 -17.87
N LEU C 77 -16.14 7.11 -18.30
CA LEU C 77 -14.92 6.61 -18.93
C LEU C 77 -13.71 7.16 -18.20
N GLY C 78 -12.54 6.65 -18.56
CA GLY C 78 -11.28 7.17 -18.04
C GLY C 78 -10.23 7.20 -19.13
N THR C 79 -9.00 7.50 -18.75
CA THR C 79 -7.85 7.44 -19.66
C THR C 79 -6.77 6.59 -19.03
N HIS C 80 -5.76 6.23 -19.82
CA HIS C 80 -4.53 5.64 -19.28
C HIS C 80 -3.41 6.10 -20.24
N THR C 81 -2.80 7.23 -19.91
CA THR C 81 -1.82 7.89 -20.76
C THR C 81 -0.41 7.33 -20.55
N GLY C 83 0.46 7.61 -21.53
CA GLY C 83 1.89 7.52 -21.37
C GLY C 83 2.49 8.80 -20.81
N ASN C 84 2.07 9.16 -19.60
CA ASN C 84 2.57 10.31 -18.85
C ASN C 84 2.11 11.66 -19.41
N ASP C 85 0.89 11.68 -19.94
CA ASP C 85 0.10 12.89 -20.14
C ASP C 85 -0.85 13.00 -18.95
N GLN C 86 -1.52 14.13 -18.79
CA GLN C 86 -2.45 14.24 -17.69
C GLN C 86 -3.63 13.29 -17.93
N ASN C 87 -4.02 12.58 -16.87
CA ASN C 87 -5.12 11.63 -16.95
C ASN C 87 -6.43 12.29 -16.50
N TYR C 88 -7.55 11.77 -17.00
CA TYR C 88 -8.84 12.36 -16.69
C TYR C 88 -9.86 11.27 -16.43
N LEU C 89 -10.73 11.52 -15.46
CA LEU C 89 -12.03 10.86 -15.39
C LEU C 89 -12.99 11.63 -16.28
N GLN C 90 -13.70 10.92 -17.16
CA GLN C 90 -14.54 11.56 -18.17
C GLN C 90 -15.97 11.06 -18.07
N ILE C 91 -16.93 11.95 -18.31
CA ILE C 91 -18.33 11.59 -18.51
C ILE C 91 -18.68 11.92 -19.96
N ALA C 92 -19.10 10.92 -20.74
CA ALA C 92 -19.51 11.13 -22.11
C ALA C 92 -21.02 11.20 -22.19
N SER C 93 -21.54 12.10 -23.03
CA SER C 93 -22.97 12.18 -23.26
C SER C 93 -23.27 11.66 -24.66
N VAL C 94 -24.16 10.68 -24.73
CA VAL C 94 -24.47 10.00 -25.98
C VAL C 94 -25.87 10.40 -26.40
N GLN C 95 -25.99 10.85 -27.65
CA GLN C 95 -27.31 11.01 -28.25
C GLN C 95 -27.76 9.63 -28.66
N LEU C 96 -28.52 8.98 -27.79
CA LEU C 96 -28.99 7.62 -28.08
C LEU C 96 -30.30 7.69 -28.86
N PRO C 97 -30.34 7.20 -30.10
CA PRO C 97 -31.54 7.41 -30.91
C PRO C 97 -32.76 6.68 -30.36
N ASN C 98 -33.92 7.31 -30.51
CA ASN C 98 -35.19 6.71 -30.14
C ASN C 98 -35.50 5.62 -31.16
N PHE C 99 -34.93 4.44 -30.95
CA PHE C 99 -35.07 3.35 -31.91
C PHE C 99 -35.98 2.24 -31.42
N ASP C 100 -36.66 2.43 -30.28
CA ASP C 100 -37.38 1.34 -29.62
C ASP C 100 -38.72 1.85 -29.09
N GLU C 101 -39.81 1.36 -29.68
CA GLU C 101 -41.15 1.77 -29.24
C GLU C 101 -41.35 1.55 -27.75
N ASP C 102 -40.72 0.53 -27.18
CA ASP C 102 -40.97 0.18 -25.79
C ASP C 102 -40.28 1.10 -24.79
N THR C 103 -39.23 1.81 -25.18
CA THR C 103 -38.42 2.56 -24.21
C THR C 103 -38.68 4.05 -24.24
N THR C 104 -39.46 4.54 -25.19
CA THR C 104 -39.70 5.97 -25.32
C THR C 104 -41.20 6.24 -25.35
N GLU C 105 -41.64 7.27 -24.62
CA GLU C 105 -43.03 7.72 -24.66
C GLU C 105 -43.16 8.65 -25.86
N PHE C 106 -43.66 8.11 -26.97
CA PHE C 106 -43.64 8.77 -28.27
C PHE C 106 -44.85 9.66 -28.57
N THR C 107 -45.91 9.63 -27.75
CA THR C 107 -47.15 10.28 -28.16
C THR C 107 -46.99 11.77 -28.48
N PRO C 108 -46.33 12.60 -27.66
CA PRO C 108 -46.10 13.98 -28.12
C PRO C 108 -45.21 13.96 -29.33
N SER C 109 -45.73 14.44 -30.46
CA SER C 109 -44.98 14.29 -31.71
C SER C 109 -43.97 15.41 -31.89
N THR C 110 -43.57 16.05 -30.79
CA THR C 110 -42.25 16.65 -30.66
C THR C 110 -41.19 15.57 -30.42
N ILE C 111 -41.60 14.38 -29.98
CA ILE C 111 -40.71 13.26 -29.73
C ILE C 111 -40.81 12.34 -30.94
N ARG C 112 -39.78 12.36 -31.80
CA ARG C 112 -39.82 11.68 -33.08
C ARG C 112 -39.11 10.34 -33.01
N ARG C 113 -39.48 9.47 -33.96
CA ARG C 113 -38.80 8.19 -34.11
C ARG C 113 -37.55 8.36 -34.96
N ALA C 114 -36.47 7.69 -34.56
CA ALA C 114 -35.22 7.81 -35.29
C ALA C 114 -35.28 7.00 -36.58
N GLN C 115 -34.33 7.28 -37.47
CA GLN C 115 -34.26 6.61 -38.75
C GLN C 115 -32.80 6.31 -39.06
N ALA C 116 -32.59 5.38 -40.00
CA ALA C 116 -31.23 5.00 -40.37
C ALA C 116 -30.44 6.15 -40.98
N THR C 117 -31.11 7.18 -41.50
CA THR C 117 -30.42 8.34 -42.06
C THR C 117 -30.00 9.35 -40.98
N GLY C 118 -30.49 9.21 -39.75
CA GLY C 118 -30.18 10.19 -38.74
C GLY C 118 -28.70 10.23 -38.40
N SER C 119 -28.28 11.34 -37.79
CA SER C 119 -26.90 11.52 -37.37
C SER C 119 -26.89 11.88 -35.90
N TYR C 120 -26.09 11.17 -35.11
CA TYR C 120 -26.07 11.30 -33.65
C TYR C 120 -24.64 11.43 -33.17
N THR C 121 -24.45 12.23 -32.12
CA THR C 121 -23.11 12.56 -31.65
C THR C 121 -22.89 12.01 -30.25
N ILE C 122 -21.62 12.00 -29.88
CA ILE C 122 -21.16 11.66 -28.53
C ILE C 122 -20.13 12.71 -28.14
N GLU C 123 -20.38 13.42 -27.05
CA GLU C 123 -19.47 14.47 -26.59
C GLU C 123 -19.00 14.19 -25.16
N ILE C 124 -17.74 14.52 -24.89
CA ILE C 124 -17.21 14.49 -23.55
C ILE C 124 -17.76 15.70 -22.79
N SER C 125 -18.70 15.45 -21.88
CA SER C 125 -19.40 16.50 -21.17
C SER C 125 -18.69 16.96 -19.90
N GLN C 126 -17.73 16.20 -19.39
CA GLN C 126 -17.02 16.55 -18.16
C GLN C 126 -15.66 15.86 -18.18
N LYS C 127 -14.62 16.59 -17.82
CA LYS C 127 -13.25 16.09 -17.87
C LYS C 127 -12.54 16.53 -16.59
N ILE C 128 -12.34 15.59 -15.68
CA ILE C 128 -11.87 15.89 -14.32
C ILE C 128 -10.46 15.33 -14.18
N PRO C 129 -9.47 16.14 -13.80
CA PRO C 129 -8.10 15.65 -13.72
C PRO C 129 -7.99 14.49 -12.74
N HIS C 130 -7.25 13.46 -13.14
CA HIS C 130 -7.14 12.23 -12.37
C HIS C 130 -5.67 11.84 -12.24
N ASP C 131 -5.31 11.34 -11.07
CA ASP C 131 -3.92 10.99 -10.78
C ASP C 131 -3.69 9.54 -11.20
N GLY C 132 -2.99 9.34 -12.32
CA GLY C 132 -2.69 8.01 -12.83
C GLY C 132 -3.77 7.46 -13.77
N ASP C 133 -3.50 6.27 -14.30
CA ASP C 133 -4.50 5.55 -15.08
C ASP C 133 -5.80 5.40 -14.28
N VAL C 134 -6.94 5.55 -14.95
CA VAL C 134 -8.24 5.27 -14.32
C VAL C 134 -8.47 3.77 -14.53
N ASN C 135 -7.99 2.98 -13.56
CA ASN C 135 -8.08 1.54 -13.70
C ASN C 135 -9.53 1.06 -13.66
N ARG C 136 -10.38 1.74 -12.87
CA ARG C 136 -11.78 1.40 -12.78
C ARG C 136 -12.50 2.58 -12.15
N ALA C 137 -13.75 2.80 -12.58
CA ALA C 137 -14.59 3.89 -12.08
C ALA C 137 -16.03 3.40 -11.95
N ARG C 138 -16.66 3.68 -10.80
CA ARG C 138 -18.02 3.25 -10.50
C ARG C 138 -18.74 4.36 -9.75
N TYR C 139 -19.99 4.64 -10.14
CA TYR C 139 -20.81 5.59 -9.40
C TYR C 139 -21.47 4.93 -8.20
N MET C 140 -21.60 5.68 -7.12
CA MET C 140 -22.26 5.18 -5.93
C MET C 140 -23.74 4.99 -6.22
N PRO C 141 -24.31 3.80 -6.03
CA PRO C 141 -25.72 3.59 -6.40
C PRO C 141 -26.67 4.54 -5.69
N GLN C 142 -26.45 4.80 -4.40
CA GLN C 142 -27.35 5.67 -3.65
C GLN C 142 -27.14 7.16 -3.97
N LYS C 143 -26.02 7.51 -4.61
CA LYS C 143 -25.69 8.90 -4.92
C LYS C 143 -24.87 8.92 -6.21
N PRO C 144 -25.54 8.84 -7.37
CA PRO C 144 -24.80 8.62 -8.63
C PRO C 144 -23.86 9.75 -9.01
N GLU C 145 -23.98 10.92 -8.38
CA GLU C 145 -23.03 11.98 -8.64
C GLU C 145 -21.67 11.69 -8.02
N ILE C 146 -21.60 10.73 -7.10
CA ILE C 146 -20.35 10.34 -6.46
C ILE C 146 -19.74 9.16 -7.23
N ILE C 147 -18.49 9.32 -7.66
CA ILE C 147 -17.78 8.30 -8.44
C ILE C 147 -16.48 7.95 -7.74
N ALA C 148 -16.23 6.65 -7.56
CA ALA C 148 -14.97 6.15 -7.01
C ALA C 148 -14.10 5.59 -8.12
N THR C 149 -12.78 5.80 -8.02
CA THR C 149 -11.85 5.25 -8.98
C THR C 149 -10.72 4.51 -8.26
N MET C 150 -10.07 3.60 -8.99
CA MET C 150 -8.78 3.04 -8.60
C MET C 150 -7.71 3.75 -9.41
N GLY C 151 -6.73 4.35 -8.74
CA GLY C 151 -5.78 5.23 -9.40
C GLY C 151 -4.34 4.94 -9.01
N GLU C 152 -3.51 5.99 -9.11
CA GLU C 152 -2.05 5.82 -9.10
C GLU C 152 -1.58 5.11 -7.82
N GLY C 153 -0.72 4.10 -8.01
CA GLY C 153 -0.04 3.43 -6.92
C GLY C 153 -0.92 2.61 -6.00
N GLY C 154 -2.20 2.49 -6.29
CA GLY C 154 -3.11 1.80 -5.41
C GLY C 154 -4.06 2.71 -4.69
N ASN C 155 -3.85 4.03 -4.75
CA ASN C 155 -4.81 4.96 -4.17
C ASN C 155 -6.16 4.82 -4.87
N ALA C 156 -7.22 4.94 -4.09
CA ALA C 156 -8.56 5.09 -4.62
C ALA C 156 -8.98 6.55 -4.41
N TYR C 157 -9.79 7.05 -5.32
CA TYR C 157 -10.17 8.45 -5.33
C TYR C 157 -11.68 8.57 -5.42
N ILE C 158 -12.23 9.58 -4.73
CA ILE C 158 -13.66 9.88 -4.74
C ILE C 158 -13.87 11.27 -5.32
N PHE C 159 -14.81 11.38 -6.26
CA PHE C 159 -15.14 12.63 -6.92
C PHE C 159 -16.64 12.89 -6.83
N ASP C 160 -17.00 14.16 -6.61
CA ASP C 160 -18.37 14.62 -6.75
C ASP C 160 -18.45 15.41 -8.05
N THR C 161 -19.22 14.88 -9.02
CA THR C 161 -19.25 15.49 -10.35
C THR C 161 -20.02 16.81 -10.35
N THR C 162 -20.88 17.05 -9.37
CA THR C 162 -21.52 18.36 -9.23
C THR C 162 -20.67 19.32 -8.38
N CYS C 163 -19.39 19.45 -8.72
CA CYS C 163 -18.47 20.32 -7.98
C CYS C 163 -17.42 20.89 -8.91
N LEU C 173 -10.02 18.74 -8.72
CA LEU C 173 -9.42 18.23 -7.49
C LEU C 173 -10.38 17.23 -6.81
N PRO C 174 -9.88 16.05 -6.41
CA PRO C 174 -10.78 15.03 -5.86
C PRO C 174 -11.26 15.37 -4.47
N GLN C 175 -12.46 14.86 -4.12
CA GLN C 175 -13.05 15.11 -2.83
C GLN C 175 -12.43 14.23 -1.74
N ALA C 176 -11.89 13.07 -2.09
CA ALA C 176 -11.24 12.23 -1.10
C ALA C 176 -10.21 11.35 -1.79
N VAL C 177 -9.19 10.96 -1.04
CA VAL C 177 -8.20 10.01 -1.51
C VAL C 177 -8.15 8.89 -0.48
N LEU C 178 -8.21 7.64 -0.95
CA LEU C 178 -8.30 6.49 -0.07
C LEU C 178 -6.93 5.81 -0.06
N LYS C 179 -6.21 5.94 1.05
CA LYS C 179 -4.84 5.46 1.18
C LYS C 179 -4.82 4.15 1.96
N GLY C 180 -4.23 3.11 1.38
CA GLY C 180 -4.17 1.83 2.06
C GLY C 180 -3.50 0.75 1.23
N HIS C 181 -3.75 0.74 -0.08
CA HIS C 181 -3.10 -0.24 -0.95
C HIS C 181 -1.67 0.19 -1.23
N THR C 182 -0.77 -0.79 -1.34
CA THR C 182 0.63 -0.56 -1.67
C THR C 182 0.96 -0.95 -3.10
N ALA C 183 -0.04 -1.17 -3.94
CA ALA C 183 0.15 -1.40 -5.38
C ALA C 183 -1.18 -1.12 -6.06
N GLU C 184 -1.10 -0.76 -7.35
CA GLU C 184 -2.29 -0.44 -8.11
C GLU C 184 -3.21 -1.65 -8.18
N GLY C 185 -4.50 -1.38 -8.36
CA GLY C 185 -5.48 -2.45 -8.39
C GLY C 185 -6.61 -2.13 -9.34
N PHE C 186 -7.43 -3.15 -9.60
CA PHE C 186 -8.59 -3.02 -10.48
C PHE C 186 -9.91 -3.44 -9.84
N GLY C 187 -9.90 -3.98 -8.63
CA GLY C 187 -11.13 -4.35 -7.96
C GLY C 187 -11.74 -3.17 -7.24
N LEU C 188 -13.02 -2.94 -7.49
CA LEU C 188 -13.71 -1.81 -6.85
C LEU C 188 -15.21 -2.01 -6.93
N CYS C 189 -15.90 -1.87 -5.79
CA CYS C 189 -17.36 -2.00 -5.81
C CYS C 189 -17.94 -1.30 -4.59
N TRP C 190 -18.99 -0.54 -4.81
CA TRP C 190 -19.80 0.05 -3.78
C TRP C 190 -20.74 -0.97 -3.15
N ASN C 191 -21.11 -0.74 -1.87
CA ASN C 191 -22.11 -1.56 -1.18
C ASN C 191 -23.51 -1.01 -1.50
N PRO C 192 -24.36 -1.74 -2.21
CA PRO C 192 -25.68 -1.19 -2.58
C PRO C 192 -26.67 -1.15 -1.43
N ASN C 193 -26.34 -1.70 -0.26
CA ASN C 193 -27.23 -1.70 0.90
C ASN C 193 -26.66 -0.93 2.09
N LEU C 194 -25.51 -0.28 1.92
CA LEU C 194 -24.92 0.52 2.98
C LEU C 194 -24.23 1.69 2.32
N PRO C 195 -24.84 2.89 2.35
CA PRO C 195 -24.33 4.02 1.58
C PRO C 195 -22.91 4.38 1.98
N GLY C 196 -22.08 4.63 0.97
CA GLY C 196 -20.70 5.05 1.20
C GLY C 196 -19.74 3.94 1.56
N ASN C 197 -20.22 2.72 1.76
CA ASN C 197 -19.33 1.60 2.02
C ASN C 197 -18.76 1.10 0.69
N LEU C 198 -17.44 0.98 0.62
CA LEU C 198 -16.72 0.65 -0.62
C LEU C 198 -15.72 -0.45 -0.30
N ALA C 199 -15.57 -1.39 -1.23
CA ALA C 199 -14.52 -2.39 -1.16
C ALA C 199 -13.60 -2.23 -2.36
N THR C 200 -12.31 -2.48 -2.16
CA THR C 200 -11.34 -2.39 -3.26
C THR C 200 -10.38 -3.57 -3.17
N GLY C 201 -9.81 -3.95 -4.32
CA GLY C 201 -8.82 -5.02 -4.36
C GLY C 201 -7.70 -4.71 -5.33
N ALA C 202 -6.46 -5.08 -4.98
CA ALA C 202 -5.31 -4.60 -5.74
C ALA C 202 -4.29 -5.71 -5.92
N GLU C 203 -3.20 -5.37 -6.62
CA GLU C 203 -2.12 -6.31 -6.86
C GLU C 203 -1.27 -6.56 -5.62
N ASP C 204 -1.49 -5.83 -4.53
CA ASP C 204 -0.85 -6.16 -3.26
C ASP C 204 -1.50 -7.34 -2.55
N GLN C 205 -2.45 -8.04 -3.19
CA GLN C 205 -3.14 -9.22 -2.67
C GLN C 205 -4.14 -8.90 -1.56
N VAL C 206 -4.48 -7.62 -1.36
CA VAL C 206 -5.25 -7.15 -0.21
C VAL C 206 -6.62 -6.65 -0.67
N ILE C 207 -7.61 -6.81 0.21
CA ILE C 207 -8.93 -6.20 0.05
C ILE C 207 -9.08 -5.13 1.14
N CYS C 208 -9.48 -3.92 0.76
CA CYS C 208 -9.70 -2.85 1.72
C CYS C 208 -11.18 -2.49 1.74
N LEU C 209 -11.69 -2.22 2.92
CA LEU C 209 -13.04 -1.72 3.08
C LEU C 209 -12.96 -0.28 3.57
N TRP C 210 -13.86 0.55 3.05
CA TRP C 210 -13.83 1.98 3.30
C TRP C 210 -15.22 2.48 3.66
N ASP C 211 -15.24 3.51 4.51
CA ASP C 211 -16.45 4.26 4.83
C ASP C 211 -16.26 5.65 4.26
N VAL C 212 -16.99 5.96 3.19
CA VAL C 212 -16.88 7.24 2.50
C VAL C 212 -18.09 8.07 2.90
N GLN C 213 -17.88 9.03 3.81
CA GLN C 213 -18.94 9.94 4.25
C GLN C 213 -18.90 11.20 3.40
N THR C 214 -19.88 11.35 2.51
CA THR C 214 -19.89 12.46 1.55
C THR C 214 -20.34 13.79 2.15
N GLN C 215 -20.98 13.79 3.32
CA GLN C 215 -21.31 15.01 4.04
C GLN C 215 -20.14 15.98 4.11
N SER C 216 -19.03 15.54 4.73
CA SER C 216 -17.86 16.40 4.95
C SER C 216 -17.32 17.02 3.65
N PHE C 217 -17.57 16.39 2.50
CA PHE C 217 -16.92 16.80 1.26
C PHE C 217 -17.12 18.29 0.98
N THR C 218 -16.02 18.94 0.63
CA THR C 218 -16.01 20.32 0.14
C THR C 218 -15.48 20.32 -1.29
N SER C 219 -15.91 21.30 -2.09
CA SER C 219 -15.28 21.48 -3.39
C SER C 219 -13.85 21.99 -3.24
N SER C 220 -13.53 22.55 -2.07
CA SER C 220 -12.22 23.12 -1.79
C SER C 220 -11.15 22.05 -1.52
N GLU C 221 -11.37 21.20 -0.52
CA GLU C 221 -10.33 20.35 0.05
C GLU C 221 -10.51 18.88 -0.35
N THR C 222 -9.39 18.13 -0.24
CA THR C 222 -9.33 16.69 -0.47
C THR C 222 -9.19 15.95 0.87
N LYS C 223 -10.22 15.21 1.26
CA LYS C 223 -10.15 14.45 2.50
C LYS C 223 -9.31 13.19 2.33
N VAL C 224 -8.51 12.87 3.34
CA VAL C 224 -7.61 11.72 3.31
C VAL C 224 -8.18 10.64 4.24
N ILE C 225 -8.47 9.47 3.68
CA ILE C 225 -9.18 8.40 4.37
C ILE C 225 -8.28 7.18 4.48
N SER C 226 -8.43 6.44 5.57
CA SER C 226 -7.74 5.18 5.77
C SER C 226 -8.77 4.07 5.85
N PRO C 227 -8.40 2.81 5.57
CA PRO C 227 -9.42 1.75 5.51
C PRO C 227 -9.98 1.44 6.89
N ILE C 228 -11.20 0.93 6.93
CA ILE C 228 -11.71 0.43 8.20
C ILE C 228 -11.30 -1.03 8.42
N ALA C 229 -10.92 -1.75 7.38
CA ALA C 229 -10.44 -3.12 7.54
C ALA C 229 -9.59 -3.46 6.32
N LYS C 230 -8.65 -4.39 6.51
CA LYS C 230 -7.84 -4.93 5.42
C LYS C 230 -7.85 -6.45 5.50
N TYR C 231 -8.19 -7.09 4.38
CA TYR C 231 -8.20 -8.55 4.27
C TYR C 231 -6.98 -8.98 3.48
N HIS C 232 -6.15 -9.82 4.09
CA HIS C 232 -5.08 -10.49 3.37
C HIS C 232 -5.41 -11.97 3.30
N ARG C 233 -6.34 -12.32 2.40
CA ARG C 233 -6.87 -13.67 2.30
C ARG C 233 -6.55 -14.36 0.99
N HIS C 234 -6.05 -13.62 0.01
CA HIS C 234 -5.55 -14.16 -1.24
C HIS C 234 -4.02 -14.21 -1.23
N THR C 235 -3.46 -15.09 -2.06
CA THR C 235 -2.01 -15.22 -2.22
C THR C 235 -1.52 -14.71 -3.57
N ASP C 236 -2.32 -13.89 -4.25
CA ASP C 236 -1.95 -13.28 -5.52
C ASP C 236 -2.88 -12.10 -5.76
N ILE C 237 -2.74 -11.48 -6.93
CA ILE C 237 -3.50 -10.28 -7.29
C ILE C 237 -5.00 -10.51 -7.12
N VAL C 238 -5.68 -9.54 -6.49
CA VAL C 238 -7.14 -9.57 -6.33
C VAL C 238 -7.76 -8.80 -7.50
N ASN C 239 -8.49 -9.50 -8.37
CA ASN C 239 -8.90 -8.93 -9.65
C ASN C 239 -10.27 -8.28 -9.63
N ASP C 240 -11.15 -8.69 -8.70
CA ASP C 240 -12.54 -8.25 -8.76
C ASP C 240 -13.20 -8.47 -7.39
N VAL C 241 -14.12 -7.58 -7.02
CA VAL C 241 -14.90 -7.69 -5.80
C VAL C 241 -16.34 -7.25 -6.10
N GLN C 242 -17.32 -7.87 -5.44
CA GLN C 242 -18.70 -7.42 -5.57
C GLN C 242 -19.46 -7.76 -4.30
N PHE C 243 -20.25 -6.81 -3.80
CA PHE C 243 -21.18 -7.08 -2.71
C PHE C 243 -22.43 -7.79 -3.22
N HIS C 244 -22.96 -8.68 -2.40
CA HIS C 244 -24.24 -9.28 -2.73
C HIS C 244 -25.30 -8.20 -2.85
N PRO C 245 -26.14 -8.23 -3.90
CA PRO C 245 -27.18 -7.21 -4.05
C PRO C 245 -28.22 -7.19 -2.90
N GLN C 246 -28.37 -8.29 -2.14
CA GLN C 246 -29.36 -8.34 -1.08
C GLN C 246 -28.77 -8.59 0.31
N HIS C 247 -27.44 -8.58 0.48
CA HIS C 247 -26.87 -8.78 1.81
C HIS C 247 -25.66 -7.86 1.99
N GLU C 248 -25.81 -6.87 2.86
CA GLU C 248 -24.79 -5.84 3.00
C GLU C 248 -23.48 -6.33 3.60
N ALA C 249 -23.42 -7.55 4.11
CA ALA C 249 -22.20 -8.08 4.71
C ALA C 249 -21.51 -9.15 3.88
N LEU C 250 -22.10 -9.57 2.75
CA LEU C 250 -21.50 -10.59 1.90
C LEU C 250 -20.66 -9.92 0.82
N LEU C 251 -19.36 -10.19 0.82
CA LEU C 251 -18.46 -9.70 -0.22
C LEU C 251 -17.79 -10.90 -0.89
N ALA C 252 -17.87 -10.96 -2.22
CA ALA C 252 -17.23 -12.01 -3.01
C ALA C 252 -15.98 -11.46 -3.70
N SER C 253 -14.92 -12.25 -3.75
CA SER C 253 -13.68 -11.79 -4.39
C SER C 253 -13.08 -12.92 -5.22
N VAL C 254 -12.34 -12.57 -6.26
CA VAL C 254 -11.65 -13.54 -7.11
C VAL C 254 -10.23 -13.06 -7.38
N SER C 255 -9.32 -14.00 -7.64
CA SER C 255 -7.90 -13.68 -7.60
C SER C 255 -7.15 -14.52 -8.63
N ASP C 256 -5.94 -14.04 -8.97
CA ASP C 256 -4.97 -14.82 -9.72
C ASP C 256 -4.55 -16.08 -8.96
N ASP C 257 -4.82 -16.17 -7.65
CA ASP C 257 -4.53 -17.41 -6.95
C ASP C 257 -5.58 -18.49 -7.24
N CYS C 258 -6.50 -18.26 -8.19
CA CYS C 258 -7.47 -19.25 -8.65
C CYS C 258 -8.57 -19.56 -7.63
N THR C 259 -8.80 -18.70 -6.64
CA THR C 259 -9.86 -18.95 -5.68
C THR C 259 -10.97 -17.92 -5.84
N LEU C 260 -12.18 -18.37 -5.56
CA LEU C 260 -13.31 -17.50 -5.29
C LEU C 260 -13.59 -17.56 -3.79
N GLN C 261 -13.68 -16.40 -3.14
CA GLN C 261 -13.85 -16.36 -1.69
C GLN C 261 -15.08 -15.53 -1.34
N ILE C 262 -15.83 -16.02 -0.35
CA ILE C 262 -17.02 -15.33 0.14
C ILE C 262 -16.70 -14.85 1.55
N HIS C 263 -16.74 -13.53 1.74
CA HIS C 263 -16.39 -12.89 3.00
C HIS C 263 -17.65 -12.39 3.71
N ASP C 264 -17.67 -12.54 5.02
CA ASP C 264 -18.67 -11.89 5.89
C ASP C 264 -17.97 -10.70 6.54
N THR C 265 -18.33 -9.49 6.11
CA THR C 265 -17.60 -8.32 6.60
C THR C 265 -17.78 -8.08 8.10
N ARG C 266 -18.70 -8.80 8.76
CA ARG C 266 -18.89 -8.65 10.20
C ARG C 266 -17.88 -9.45 11.03
N LEU C 267 -17.15 -10.39 10.42
CA LEU C 267 -16.28 -11.31 11.13
C LEU C 267 -14.84 -10.79 11.18
N ASN C 268 -14.00 -11.52 11.92
CA ASN C 268 -12.62 -11.12 12.15
C ASN C 268 -11.81 -11.15 10.86
N PRO C 269 -11.22 -10.04 10.43
CA PRO C 269 -10.46 -10.04 9.16
C PRO C 269 -9.26 -10.99 9.13
N GLU C 270 -8.63 -11.24 10.28
CA GLU C 270 -7.48 -12.16 10.32
C GLU C 270 -7.87 -13.61 10.06
N GLU C 271 -9.11 -13.99 10.40
CA GLU C 271 -9.60 -15.34 10.16
C GLU C 271 -9.73 -15.61 8.65
N GLU C 272 -9.90 -16.88 8.31
CA GLU C 272 -10.11 -17.25 6.92
C GLU C 272 -11.52 -16.83 6.47
N ALA C 273 -11.68 -16.67 5.16
CA ALA C 273 -13.00 -16.39 4.62
C ALA C 273 -13.92 -17.58 4.84
N PRO C 274 -15.17 -17.35 5.27
CA PRO C 274 -16.06 -18.49 5.55
C PRO C 274 -16.20 -19.45 4.38
N LYS C 275 -15.90 -19.05 3.14
CA LYS C 275 -15.75 -20.08 2.11
C LYS C 275 -14.68 -19.65 1.13
N VAL C 276 -13.85 -20.63 0.78
CA VAL C 276 -12.79 -20.52 -0.22
C VAL C 276 -13.09 -21.62 -1.23
N ILE C 277 -13.41 -21.21 -2.45
CA ILE C 277 -13.86 -22.12 -3.50
C ILE C 277 -12.75 -22.20 -4.55
N GLN C 278 -12.26 -23.41 -4.81
CA GLN C 278 -11.27 -23.63 -5.87
C GLN C 278 -12.03 -23.70 -7.18
N ALA C 279 -12.42 -22.52 -7.68
CA ALA C 279 -13.42 -22.42 -8.73
C ALA C 279 -12.84 -22.77 -10.09
N HIS C 280 -11.58 -22.40 -10.34
CA HIS C 280 -10.89 -22.66 -11.58
C HIS C 280 -9.46 -23.09 -11.30
N SER C 281 -8.81 -23.69 -12.31
CA SER C 281 -7.40 -24.04 -12.18
C SER C 281 -6.48 -23.00 -12.79
N LYS C 282 -7.05 -21.88 -13.23
CA LYS C 282 -6.29 -20.75 -13.72
C LYS C 282 -6.91 -19.50 -13.15
N ALA C 283 -6.19 -18.38 -13.33
CA ALA C 283 -6.56 -17.11 -12.71
C ALA C 283 -8.02 -16.79 -12.98
N ILE C 284 -8.68 -16.19 -11.97
CA ILE C 284 -10.08 -15.80 -12.07
C ILE C 284 -10.12 -14.29 -12.16
N ASN C 285 -10.70 -13.79 -13.24
CA ASN C 285 -10.62 -12.38 -13.56
C ASN C 285 -11.82 -11.56 -13.13
N ALA C 286 -13.00 -12.17 -12.94
CA ALA C 286 -14.20 -11.43 -12.64
C ALA C 286 -15.19 -12.33 -11.89
N VAL C 287 -16.04 -11.69 -11.10
CA VAL C 287 -17.14 -12.34 -10.39
C VAL C 287 -18.38 -11.49 -10.63
N ALA C 288 -19.53 -12.14 -10.79
CA ALA C 288 -20.79 -11.44 -11.07
C ALA C 288 -21.91 -12.17 -10.34
N ILE C 289 -22.58 -11.49 -9.45
CA ILE C 289 -23.69 -12.07 -8.69
C ILE C 289 -25.00 -11.66 -9.35
N ASN C 290 -25.85 -12.65 -9.63
CA ASN C 290 -27.09 -12.39 -10.36
C ASN C 290 -27.96 -11.40 -9.59
N PRO C 291 -28.52 -10.39 -10.27
CA PRO C 291 -29.32 -9.39 -9.56
C PRO C 291 -30.73 -9.84 -9.21
N PHE C 292 -31.17 -11.01 -9.67
CA PHE C 292 -32.50 -11.50 -9.37
C PHE C 292 -32.50 -12.80 -8.58
N ASN C 293 -31.57 -13.68 -8.86
CA ASN C 293 -31.50 -14.98 -8.20
C ASN C 293 -30.40 -14.93 -7.16
N ASP C 294 -30.79 -14.94 -5.88
CA ASP C 294 -29.86 -14.63 -4.80
C ASP C 294 -28.75 -15.64 -4.63
N TYR C 295 -28.86 -16.82 -5.23
CA TYR C 295 -27.84 -17.84 -5.00
C TYR C 295 -26.96 -18.09 -6.21
N LEU C 296 -27.22 -17.42 -7.34
CA LEU C 296 -26.54 -17.69 -8.61
C LEU C 296 -25.40 -16.69 -8.81
N LEU C 297 -24.22 -17.22 -9.08
CA LEU C 297 -22.97 -16.47 -9.14
C LEU C 297 -22.19 -16.96 -10.36
N ALA C 298 -21.48 -16.06 -11.03
CA ALA C 298 -20.67 -16.43 -12.19
C ALA C 298 -19.23 -16.02 -11.99
N THR C 299 -18.28 -16.83 -12.51
CA THR C 299 -16.87 -16.48 -12.46
C THR C 299 -16.24 -16.59 -13.85
N ALA C 300 -15.36 -15.66 -14.19
CA ALA C 300 -14.67 -15.67 -15.48
C ALA C 300 -13.18 -15.89 -15.29
N SER C 301 -12.59 -16.76 -16.12
CA SER C 301 -11.25 -17.25 -15.86
C SER C 301 -10.35 -17.21 -17.08
N ALA C 302 -9.05 -17.24 -16.80
CA ALA C 302 -8.04 -17.37 -17.84
C ALA C 302 -8.16 -18.70 -18.58
N ASP C 303 -8.91 -19.66 -18.04
CA ASP C 303 -9.08 -20.94 -18.70
C ASP C 303 -10.11 -20.90 -19.84
N LYS C 304 -10.56 -19.70 -20.23
CA LYS C 304 -11.41 -19.43 -21.38
C LYS C 304 -12.89 -19.76 -21.13
N THR C 305 -13.29 -19.93 -19.88
CA THR C 305 -14.64 -20.38 -19.57
C THR C 305 -15.25 -19.44 -18.55
N VAL C 306 -16.57 -19.45 -18.50
CA VAL C 306 -17.33 -18.84 -17.42
C VAL C 306 -18.01 -19.96 -16.63
N ALA C 307 -17.82 -19.97 -15.31
CA ALA C 307 -18.42 -21.02 -14.48
C ALA C 307 -19.59 -20.43 -13.70
N LEU C 308 -20.63 -21.24 -13.51
CA LEU C 308 -21.82 -20.85 -12.77
C LEU C 308 -21.85 -21.59 -11.43
N TRP C 309 -22.38 -20.93 -10.39
CA TRP C 309 -22.30 -21.46 -9.04
C TRP C 309 -23.61 -21.22 -8.31
N ASP C 310 -23.98 -22.19 -7.47
CA ASP C 310 -25.06 -22.03 -6.50
C ASP C 310 -24.38 -21.83 -5.15
N LEU C 311 -24.57 -20.65 -4.55
CA LEU C 311 -23.89 -20.34 -3.29
C LEU C 311 -24.22 -21.33 -2.19
N ARG C 312 -25.38 -21.98 -2.25
CA ARG C 312 -25.77 -22.95 -1.23
C ARG C 312 -25.03 -24.26 -1.37
N ASN C 313 -24.55 -24.57 -2.57
CA ASN C 313 -23.82 -25.80 -2.83
C ASN C 313 -22.53 -25.42 -3.55
N PRO C 314 -21.58 -24.83 -2.83
CA PRO C 314 -20.55 -23.98 -3.45
C PRO C 314 -19.32 -24.68 -3.99
N TYR C 315 -19.07 -25.94 -3.63
CA TYR C 315 -17.91 -26.65 -4.10
C TYR C 315 -18.22 -27.57 -5.28
N GLN C 316 -19.43 -27.47 -5.82
CA GLN C 316 -19.85 -28.25 -6.98
C GLN C 316 -20.33 -27.29 -8.07
N ARG C 317 -19.51 -27.08 -9.09
CA ARG C 317 -19.86 -26.15 -10.15
C ARG C 317 -21.19 -26.54 -10.79
N LEU C 318 -22.05 -25.55 -11.03
CA LEU C 318 -23.35 -25.81 -11.66
C LEU C 318 -23.21 -26.14 -13.15
N HIS C 319 -22.36 -25.40 -13.85
CA HIS C 319 -22.31 -25.46 -15.31
C HIS C 319 -21.10 -24.68 -15.75
N THR C 320 -20.61 -24.99 -16.96
CA THR C 320 -19.46 -24.31 -17.57
C THR C 320 -19.92 -23.75 -18.91
N LEU C 321 -19.74 -22.44 -19.10
CA LEU C 321 -20.14 -21.76 -20.33
C LEU C 321 -18.90 -21.68 -21.21
N GLU C 322 -18.90 -22.46 -22.29
CA GLU C 322 -17.76 -22.63 -23.18
C GLU C 322 -18.06 -21.99 -24.52
N GLY C 323 -17.04 -21.38 -25.11
CA GLY C 323 -17.21 -20.67 -26.37
C GLY C 323 -16.08 -19.70 -26.64
N HIS C 324 -15.64 -18.98 -25.61
CA HIS C 324 -14.53 -18.05 -25.79
C HIS C 324 -13.26 -18.79 -26.22
N GLU C 325 -12.44 -18.13 -27.02
CA GLU C 325 -11.22 -18.75 -27.54
C GLU C 325 -9.97 -18.27 -26.82
N ASP C 326 -10.11 -17.42 -25.81
CA ASP C 326 -8.97 -16.93 -25.05
C ASP C 326 -9.46 -16.58 -23.66
N GLU C 327 -8.58 -16.00 -22.85
CA GLU C 327 -8.91 -15.66 -21.47
C GLU C 327 -10.16 -14.80 -21.38
N VAL C 328 -11.00 -15.05 -20.36
CA VAL C 328 -12.21 -14.26 -20.13
C VAL C 328 -11.92 -13.24 -19.03
N TYR C 329 -12.28 -11.98 -19.29
CA TYR C 329 -11.99 -10.89 -18.38
C TYR C 329 -13.22 -10.13 -17.90
N GLY C 330 -14.19 -9.87 -18.76
CA GLY C 330 -15.36 -9.09 -18.39
C GLY C 330 -16.58 -9.97 -18.18
N LEU C 331 -17.45 -9.55 -17.27
CA LEU C 331 -18.60 -10.39 -16.90
C LEU C 331 -19.65 -9.51 -16.27
N GLU C 332 -20.87 -9.56 -16.79
CA GLU C 332 -21.95 -8.74 -16.25
C GLU C 332 -23.30 -9.36 -16.56
N TRP C 333 -24.11 -9.61 -15.52
CA TRP C 333 -25.48 -10.05 -15.73
C TRP C 333 -26.30 -8.95 -16.41
N SER C 334 -27.29 -9.36 -17.19
CA SER C 334 -28.25 -8.40 -17.70
C SER C 334 -28.97 -7.75 -16.51
N PRO C 335 -29.18 -6.43 -16.52
CA PRO C 335 -29.93 -5.83 -15.41
C PRO C 335 -31.43 -6.07 -15.51
N HIS C 336 -31.92 -6.68 -16.59
CA HIS C 336 -33.35 -6.84 -16.83
C HIS C 336 -33.81 -8.28 -16.87
N ASP C 337 -32.96 -9.22 -17.25
CA ASP C 337 -33.40 -10.58 -17.47
C ASP C 337 -32.51 -11.54 -16.68
N GLU C 338 -33.12 -12.25 -15.72
CA GLU C 338 -32.38 -13.17 -14.86
C GLU C 338 -31.47 -14.16 -15.57
N PRO C 339 -31.86 -14.83 -16.66
CA PRO C 339 -30.99 -15.84 -17.27
C PRO C 339 -29.96 -15.31 -18.26
N ILE C 340 -29.83 -13.99 -18.44
CA ILE C 340 -29.00 -13.42 -19.49
C ILE C 340 -27.71 -12.88 -18.88
N LEU C 341 -26.57 -13.34 -19.43
CA LEU C 341 -25.23 -13.04 -18.93
C LEU C 341 -24.33 -12.65 -20.10
N ALA C 342 -23.54 -11.59 -19.93
CA ALA C 342 -22.58 -11.20 -20.95
C ALA C 342 -21.17 -11.41 -20.41
N SER C 343 -20.24 -11.78 -21.30
CA SER C 343 -18.83 -11.92 -20.96
C SER C 343 -17.97 -11.38 -22.11
N SER C 344 -16.73 -11.02 -21.80
CA SER C 344 -15.79 -10.53 -22.82
C SER C 344 -14.43 -11.16 -22.61
N SER C 345 -13.61 -11.11 -23.66
CA SER C 345 -12.41 -11.94 -23.67
C SER C 345 -11.35 -11.28 -24.55
N THR C 346 -10.09 -11.68 -24.32
CA THR C 346 -9.01 -11.26 -25.21
C THR C 346 -9.14 -11.89 -26.60
N ASP C 347 -10.11 -12.79 -26.81
CA ASP C 347 -10.44 -13.23 -28.16
C ASP C 347 -11.19 -12.18 -28.95
N ARG C 348 -11.29 -10.97 -28.38
CA ARG C 348 -11.89 -9.81 -29.03
C ARG C 348 -13.41 -9.92 -29.20
N ARG C 349 -14.08 -10.83 -28.48
CA ARG C 349 -15.53 -10.98 -28.60
C ARG C 349 -16.22 -10.61 -27.30
N VAL C 350 -17.44 -10.11 -27.42
CA VAL C 350 -18.40 -10.08 -26.32
C VAL C 350 -19.47 -11.12 -26.63
N CYS C 351 -19.70 -12.04 -25.69
CA CYS C 351 -20.72 -13.05 -25.87
C CYS C 351 -21.87 -12.82 -24.91
N ILE C 352 -23.08 -13.18 -25.32
CA ILE C 352 -24.27 -13.07 -24.47
C ILE C 352 -24.86 -14.47 -24.36
N TRP C 353 -25.06 -14.93 -23.13
CA TRP C 353 -25.52 -16.29 -22.87
C TRP C 353 -26.95 -16.28 -22.33
N ASP C 354 -27.71 -17.31 -22.68
CA ASP C 354 -29.09 -17.47 -22.19
C ASP C 354 -29.13 -18.79 -21.43
N LEU C 355 -29.14 -18.72 -20.10
CA LEU C 355 -29.14 -19.91 -19.25
C LEU C 355 -30.35 -20.80 -19.50
N GLU C 356 -31.46 -20.25 -20.01
CA GLU C 356 -32.63 -21.09 -20.23
C GLU C 356 -32.41 -22.10 -21.36
N LYS C 357 -31.46 -21.87 -22.24
CA LYS C 357 -31.23 -22.79 -23.34
C LYS C 357 -30.27 -23.92 -22.98
N ILE C 358 -29.74 -23.94 -21.76
CA ILE C 358 -28.75 -24.96 -21.41
C ILE C 358 -29.38 -26.34 -21.56
N GLY C 359 -28.70 -27.20 -22.30
CA GLY C 359 -29.17 -28.55 -22.46
C GLY C 359 -30.08 -28.79 -23.64
N GLU C 360 -30.41 -27.75 -24.42
CA GLU C 360 -31.25 -27.94 -25.58
C GLU C 360 -30.51 -28.76 -26.63
N GLU C 361 -31.28 -29.40 -27.52
CA GLU C 361 -30.72 -30.17 -28.62
C GLU C 361 -30.64 -29.30 -29.86
N GLN C 362 -29.66 -29.57 -30.71
CA GLN C 362 -29.43 -28.74 -31.87
C GLN C 362 -29.05 -29.61 -33.06
N THR C 363 -29.30 -29.08 -34.25
CA THR C 363 -28.86 -29.72 -35.48
C THR C 363 -27.34 -29.65 -35.60
N PRO C 364 -26.72 -30.58 -36.33
CA PRO C 364 -25.26 -30.50 -36.50
C PRO C 364 -24.81 -29.17 -37.06
N GLU C 365 -25.58 -28.58 -37.98
CA GLU C 365 -25.20 -27.28 -38.52
C GLU C 365 -25.23 -26.21 -37.44
N ASP C 366 -26.29 -26.16 -36.65
CA ASP C 366 -26.38 -25.16 -35.60
C ASP C 366 -25.24 -25.30 -34.57
N ALA C 367 -24.84 -26.55 -34.27
CA ALA C 367 -23.78 -26.75 -33.27
C ALA C 367 -22.43 -26.16 -33.69
N GLU C 368 -22.23 -25.95 -34.99
CA GLU C 368 -20.98 -25.34 -35.44
C GLU C 368 -20.81 -23.93 -34.87
N ASP C 369 -21.91 -23.30 -34.46
CA ASP C 369 -21.85 -22.01 -33.83
C ASP C 369 -21.57 -22.09 -32.33
N GLY C 370 -21.58 -23.28 -31.74
CA GLY C 370 -21.32 -23.47 -30.33
C GLY C 370 -22.54 -23.99 -29.58
N SER C 371 -22.40 -24.07 -28.27
CA SER C 371 -23.44 -24.60 -27.40
C SER C 371 -24.72 -23.78 -27.55
N PRO C 372 -25.89 -24.39 -27.33
CA PRO C 372 -27.14 -23.65 -27.53
C PRO C 372 -27.31 -22.44 -26.62
N GLU C 373 -26.69 -22.44 -25.42
CA GLU C 373 -26.83 -21.30 -24.53
C GLU C 373 -26.02 -20.08 -24.97
N LEU C 374 -25.16 -20.22 -25.96
CA LEU C 374 -24.51 -19.06 -26.56
C LEU C 374 -25.50 -18.37 -27.48
N LEU C 375 -26.18 -17.35 -26.96
CA LEU C 375 -27.27 -16.71 -27.70
C LEU C 375 -26.77 -15.83 -28.83
N PHE C 376 -25.76 -14.99 -28.56
CA PHE C 376 -25.33 -13.95 -29.48
C PHE C 376 -23.85 -13.69 -29.29
N MET C 377 -23.17 -13.35 -30.38
CA MET C 377 -21.76 -12.98 -30.31
C MET C 377 -21.55 -11.64 -31.00
N HIS C 378 -20.88 -10.72 -30.31
CA HIS C 378 -20.51 -9.42 -30.86
C HIS C 378 -19.05 -9.46 -31.27
N GLY C 379 -18.77 -9.30 -32.56
CA GLY C 379 -17.40 -9.37 -33.03
C GLY C 379 -16.91 -8.08 -33.69
N GLY C 380 -17.43 -6.93 -33.25
CA GLY C 380 -17.08 -5.66 -33.85
C GLY C 380 -15.79 -5.04 -33.40
N HIS C 381 -15.16 -5.54 -32.33
CA HIS C 381 -13.93 -4.92 -31.85
C HIS C 381 -12.71 -5.53 -32.54
N THR C 382 -11.71 -4.70 -32.77
CA THR C 382 -10.51 -5.11 -33.48
C THR C 382 -9.31 -5.18 -32.55
N ASN C 383 -9.55 -5.24 -31.24
CA ASN C 383 -8.52 -5.38 -30.24
C ASN C 383 -9.13 -6.00 -28.98
N ARG C 384 -8.27 -6.27 -27.99
CA ARG C 384 -8.69 -6.68 -26.65
C ARG C 384 -9.84 -5.85 -26.12
N ILE C 385 -10.86 -6.52 -25.57
CA ILE C 385 -11.98 -5.85 -24.92
C ILE C 385 -11.49 -5.37 -23.56
N SER C 386 -11.64 -4.08 -23.30
CA SER C 386 -11.22 -3.61 -21.98
C SER C 386 -12.32 -3.82 -20.95
N GLU C 387 -13.55 -3.40 -21.27
CA GLU C 387 -14.70 -3.51 -20.36
C GLU C 387 -15.97 -3.22 -21.17
N PHE C 388 -17.12 -3.64 -20.65
CA PHE C 388 -18.40 -3.32 -21.27
C PHE C 388 -19.43 -3.09 -20.18
N SER C 389 -20.57 -2.51 -20.56
CA SER C 389 -21.62 -2.16 -19.60
C SER C 389 -23.00 -2.23 -20.26
N TRP C 390 -23.92 -2.97 -19.63
CA TRP C 390 -25.31 -3.01 -20.09
C TRP C 390 -25.98 -1.67 -19.89
N CYS C 391 -26.69 -1.18 -20.89
CA CYS C 391 -27.41 0.07 -20.76
C CYS C 391 -28.65 -0.17 -19.90
N PRO C 392 -28.86 0.59 -18.81
CA PRO C 392 -30.01 0.28 -17.93
C PRO C 392 -31.34 0.83 -18.44
N ASN C 393 -31.34 1.72 -19.43
CA ASN C 393 -32.57 2.40 -19.85
C ASN C 393 -33.08 1.89 -21.19
N GLU C 394 -32.46 0.85 -21.74
CA GLU C 394 -32.85 0.34 -23.04
C GLU C 394 -32.97 -1.18 -22.96
N ARG C 395 -33.42 -1.77 -24.06
CA ARG C 395 -33.56 -3.22 -24.18
C ARG C 395 -32.36 -3.79 -24.93
N TRP C 396 -31.53 -4.57 -24.23
CA TRP C 396 -30.44 -5.31 -24.85
C TRP C 396 -29.46 -4.36 -25.57
N VAL C 397 -29.05 -3.31 -24.87
CA VAL C 397 -28.06 -2.37 -25.39
C VAL C 397 -26.81 -2.49 -24.53
N VAL C 398 -25.66 -2.59 -25.19
CA VAL C 398 -24.36 -2.73 -24.54
C VAL C 398 -23.44 -1.66 -25.08
N GLY C 399 -22.65 -1.04 -24.20
CA GLY C 399 -21.53 -0.21 -24.59
C GLY C 399 -20.23 -0.92 -24.23
N SER C 400 -19.33 -1.02 -25.20
CA SER C 400 -18.11 -1.78 -25.01
C SER C 400 -16.91 -1.04 -25.57
N LEU C 401 -15.76 -1.27 -24.95
CA LEU C 401 -14.49 -0.62 -25.27
C LEU C 401 -13.45 -1.67 -25.61
N ALA C 402 -12.50 -1.27 -26.43
CA ALA C 402 -11.36 -2.11 -26.77
C ALA C 402 -10.07 -1.30 -26.65
N ASP C 403 -8.95 -1.98 -26.83
CA ASP C 403 -7.65 -1.34 -26.68
C ASP C 403 -7.40 -0.21 -27.68
N ASP C 404 -8.09 -0.19 -28.81
CA ASP C 404 -7.75 0.72 -29.90
C ASP C 404 -8.61 1.98 -29.91
N ASN C 405 -9.01 2.48 -28.74
CA ASN C 405 -9.74 3.75 -28.59
C ASN C 405 -11.16 3.72 -29.14
N ILE C 406 -11.68 2.56 -29.55
CA ILE C 406 -12.98 2.48 -30.18
C ILE C 406 -14.04 2.13 -29.14
N LEU C 407 -15.06 2.97 -29.05
CA LEU C 407 -16.25 2.71 -28.26
C LEU C 407 -17.37 2.26 -29.20
N GLN C 408 -18.08 1.19 -28.83
CA GLN C 408 -19.19 0.71 -29.64
C GLN C 408 -20.43 0.58 -28.77
N ILE C 409 -21.55 1.02 -29.30
CA ILE C 409 -22.84 0.94 -28.60
C ILE C 409 -23.77 0.15 -29.51
N TRP C 410 -24.17 -1.06 -29.08
CA TRP C 410 -24.79 -1.99 -30.00
C TRP C 410 -25.94 -2.73 -29.33
N SER C 411 -26.81 -3.27 -30.17
CA SER C 411 -27.99 -3.95 -29.64
C SER C 411 -28.35 -5.08 -30.58
N PRO C 412 -28.33 -6.34 -30.12
CA PRO C 412 -28.68 -7.46 -31.00
C PRO C 412 -30.10 -7.34 -31.50
N SER C 413 -30.34 -7.92 -32.67
CA SER C 413 -31.67 -7.92 -33.25
C SER C 413 -32.68 -8.56 -32.30
N ARG C 414 -33.81 -7.88 -32.12
CA ARG C 414 -34.90 -8.47 -31.33
C ARG C 414 -35.39 -9.79 -31.91
N VAL C 415 -35.22 -10.04 -33.21
CA VAL C 415 -35.54 -11.37 -33.74
C VAL C 415 -34.81 -12.43 -32.94
N ILE C 416 -33.60 -12.11 -32.47
CA ILE C 416 -32.76 -13.11 -31.82
C ILE C 416 -33.21 -13.34 -30.39
N TRP C 417 -33.43 -12.25 -29.62
CA TRP C 417 -33.71 -12.41 -28.20
C TRP C 417 -35.19 -12.28 -27.85
N GLY C 418 -36.04 -11.86 -28.78
CA GLY C 418 -37.45 -11.62 -28.48
C GLY C 418 -38.37 -12.81 -28.67
N GLU D 5 -14.91 10.84 -34.60
CA GLU D 5 -16.16 11.20 -35.25
C GLU D 5 -17.10 9.97 -34.91
N THR D 6 -18.44 10.02 -35.13
CA THR D 6 -19.40 9.00 -34.67
C THR D 6 -20.22 8.45 -35.85
N GLU D 7 -20.10 7.14 -36.10
CA GLU D 7 -20.76 6.45 -37.22
C GLU D 7 -21.98 5.65 -36.77
N LEU D 8 -23.08 5.79 -37.49
CA LEU D 8 -24.27 4.97 -37.29
C LEU D 8 -24.24 3.87 -38.34
N LEU D 9 -23.85 2.65 -37.94
CA LEU D 9 -23.70 1.57 -38.90
C LEU D 9 -25.03 0.91 -39.27
N VAL D 10 -25.97 0.87 -38.33
CA VAL D 10 -27.29 0.31 -38.60
C VAL D 10 -28.24 0.81 -37.51
N LEU D 11 -29.47 1.11 -37.92
CA LEU D 11 -30.57 1.41 -37.01
C LEU D 11 -31.81 0.81 -37.64
N ARG D 12 -32.49 -0.09 -36.93
CA ARG D 12 -33.74 -0.68 -37.37
C ARG D 12 -34.77 -0.48 -36.27
N PHE D 13 -35.75 0.39 -36.51
CA PHE D 13 -36.72 0.73 -35.48
C PHE D 13 -37.54 -0.48 -35.07
N ARG D 14 -37.70 -0.66 -33.76
CA ARG D 14 -38.47 -1.77 -33.22
C ARG D 14 -39.92 -1.33 -33.06
N GLU D 15 -40.78 -1.76 -33.99
CA GLU D 15 -42.21 -1.50 -33.85
C GLU D 15 -42.75 -2.24 -32.64
N PHE D 16 -43.93 -1.83 -32.19
CA PHE D 16 -44.55 -2.50 -31.05
C PHE D 16 -44.57 -4.00 -31.25
N GLY D 17 -44.17 -4.73 -30.22
CA GLY D 17 -44.39 -6.18 -30.17
C GLY D 17 -44.88 -6.56 -28.78
N VAL D 18 -45.79 -7.52 -28.74
CA VAL D 18 -46.28 -7.93 -27.43
C VAL D 18 -45.18 -8.69 -26.69
N LYS D 19 -45.16 -8.55 -25.37
CA LYS D 19 -44.15 -9.20 -24.53
C LYS D 19 -44.77 -10.16 -23.50
N ASN D 23 -41.36 -14.09 -17.02
CA ASN D 23 -40.00 -13.89 -16.48
C ASN D 23 -39.84 -14.69 -15.18
N HIS D 24 -40.13 -16.00 -15.27
CA HIS D 24 -40.10 -16.90 -14.14
C HIS D 24 -38.65 -17.25 -13.76
N PRO D 25 -38.36 -17.37 -12.48
CA PRO D 25 -36.97 -17.56 -12.02
C PRO D 25 -36.38 -18.90 -12.45
N ILE D 26 -35.05 -18.91 -12.53
CA ILE D 26 -34.32 -20.13 -12.83
C ILE D 26 -34.25 -21.00 -11.58
N ASN D 27 -34.61 -22.27 -11.72
CA ASN D 27 -34.34 -23.22 -10.63
C ASN D 27 -32.94 -23.79 -10.81
N LEU D 28 -32.06 -23.56 -9.83
CA LEU D 28 -30.66 -23.99 -9.99
C LEU D 28 -30.52 -25.51 -9.91
N HIS D 29 -31.38 -26.20 -9.15
CA HIS D 29 -31.32 -27.66 -9.13
C HIS D 29 -31.71 -28.24 -10.48
N SER D 30 -32.71 -27.64 -11.14
CA SER D 30 -33.05 -28.08 -12.48
C SER D 30 -31.90 -27.81 -13.46
N LEU D 31 -31.28 -26.61 -13.37
CA LEU D 31 -30.15 -26.29 -14.24
C LEU D 31 -29.00 -27.28 -14.03
N ARG D 32 -28.72 -27.66 -12.79
CA ARG D 32 -27.61 -28.57 -12.52
C ARG D 32 -27.80 -29.92 -13.18
N SER D 33 -28.99 -30.50 -13.01
CA SER D 33 -29.25 -31.81 -13.62
C SER D 33 -29.26 -31.71 -15.14
N LYS D 34 -29.85 -30.65 -15.70
CA LYS D 34 -29.83 -30.45 -17.15
C LYS D 34 -28.41 -30.41 -17.69
N SER D 35 -27.52 -29.66 -17.02
CA SER D 35 -26.11 -29.61 -17.42
C SER D 35 -25.46 -30.99 -17.38
N LEU D 36 -25.68 -31.74 -16.30
CA LEU D 36 -25.02 -33.04 -16.14
C LEU D 36 -25.60 -34.06 -17.11
N ILE D 37 -26.91 -34.05 -17.33
CA ILE D 37 -27.50 -35.02 -18.25
C ILE D 37 -27.07 -34.73 -19.69
N ARG D 38 -26.90 -33.46 -20.05
CA ARG D 38 -26.42 -33.14 -21.40
C ARG D 38 -24.99 -33.64 -21.63
N ALA D 39 -24.11 -33.48 -20.65
CA ALA D 39 -22.75 -34.01 -20.78
C ALA D 39 -22.74 -35.53 -20.93
N GLN D 40 -23.63 -36.23 -20.23
CA GLN D 40 -23.76 -37.68 -20.42
C GLN D 40 -24.19 -37.98 -21.86
N GLY D 41 -25.17 -37.24 -22.37
CA GLY D 41 -25.65 -37.49 -23.71
C GLY D 41 -24.61 -37.20 -24.78
N LYS D 42 -23.68 -36.26 -24.55
CA LYS D 42 -22.71 -35.98 -25.60
C LYS D 42 -21.42 -36.77 -25.44
N LYS D 43 -21.16 -37.38 -24.29
CA LYS D 43 -20.12 -38.39 -24.25
C LYS D 43 -20.56 -39.64 -24.99
N LEU D 44 -21.84 -39.98 -24.88
CA LEU D 44 -22.37 -41.15 -25.58
C LEU D 44 -22.49 -40.88 -27.08
N ASP D 45 -22.91 -39.66 -27.46
CA ASP D 45 -23.23 -39.39 -28.86
C ASP D 45 -21.99 -39.09 -29.71
N LEU D 46 -21.04 -38.33 -29.17
CA LEU D 46 -19.98 -37.76 -29.98
C LEU D 46 -18.58 -38.24 -29.62
N HIS D 47 -18.30 -38.57 -28.36
CA HIS D 47 -16.94 -38.89 -27.95
C HIS D 47 -16.64 -40.37 -28.16
N ASN D 48 -15.39 -40.65 -28.58
CA ASN D 48 -14.89 -41.95 -29.01
C ASN D 48 -15.99 -42.86 -29.56
N ARG D 49 -16.50 -42.55 -30.74
CA ARG D 49 -17.49 -43.42 -31.35
C ARG D 49 -16.93 -44.83 -31.52
N VAL D 50 -17.82 -45.81 -31.52
CA VAL D 50 -17.42 -47.18 -31.73
C VAL D 50 -17.55 -47.56 -33.21
N PHE D 51 -18.32 -46.79 -33.98
CA PHE D 51 -18.42 -46.96 -35.42
C PHE D 51 -18.78 -45.59 -36.00
N LEU D 52 -18.54 -45.47 -37.31
CA LEU D 52 -18.90 -44.27 -38.06
C LEU D 52 -20.35 -44.37 -38.49
N ARG D 53 -21.18 -43.42 -38.04
CA ARG D 53 -22.60 -43.40 -38.43
C ARG D 53 -22.73 -43.35 -39.95
N ARG D 54 -21.84 -42.59 -40.62
CA ARG D 54 -21.92 -42.50 -42.06
C ARG D 54 -21.63 -43.83 -42.74
N ASN D 55 -20.83 -44.72 -42.11
CA ASN D 55 -20.65 -46.05 -42.67
C ASN D 55 -22.00 -46.79 -42.72
N VAL D 56 -22.75 -46.76 -41.62
CA VAL D 56 -24.03 -47.46 -41.60
C VAL D 56 -24.99 -46.84 -42.62
N ARG D 57 -25.03 -45.51 -42.70
CA ARG D 57 -25.90 -44.85 -43.67
C ARG D 57 -25.59 -45.28 -45.10
N ALA D 58 -24.30 -45.48 -45.41
CA ALA D 58 -23.91 -45.89 -46.75
C ALA D 58 -24.38 -47.31 -47.06
N VAL D 59 -24.36 -48.20 -46.06
CA VAL D 59 -24.75 -49.59 -46.31
C VAL D 59 -26.27 -49.70 -46.46
N LYS D 60 -27.02 -48.87 -45.75
CA LYS D 60 -28.48 -48.89 -45.80
C LYS D 60 -29.05 -48.21 -47.03
N MET D 61 -28.23 -47.54 -47.84
CA MET D 61 -28.72 -46.82 -49.00
C MET D 61 -29.19 -47.76 -50.10
#